data_9EXT
#
_entry.id   9EXT
#
_cell.length_a   141.780
_cell.length_b   141.780
_cell.length_c   168.587
_cell.angle_alpha   90.000
_cell.angle_beta   90.000
_cell.angle_gamma   90.000
#
_symmetry.space_group_name_H-M   'P 41 21 2'
#
loop_
_entity.id
_entity.type
_entity.pdbx_description
1 polymer 'Clathrin heavy chain'
2 polymer 'AP-1 complex subunit beta-1'
3 water water
#
loop_
_entity_poly.entity_id
_entity_poly.type
_entity_poly.pdbx_seq_one_letter_code
_entity_poly.pdbx_strand_id
1 'polypeptide(L)'
;GAMAMSDLPIEFTELVDLMSLGISPQFLDFRSTTFESDHFVTVRETKDGTNSVAIVDLAKGNEVTRKNMGGDSAIMHPSQ
MVISVRANGTIVQIFNLETKSKLKSFTLDEPVIFWRWLSETTLGFVTARSILTSNVFDGNVNAKPQLLTLRHANLNNTQI
INFVANKNLDWFAVVGILQENGRIAGRIQLFSKQRNISQAIDGHVAIFTNILLEGNGSTPVQVFVTGNRNATTGAGELRI
IEIDHDASLPSQYQKETTDIFFPPDATNDFPIAVQVSEKYGIIYLLTKYGFIHLYELETGTNLFVNRITAESVFTAAPYN
HENGIACINKKGQVLAVEISTSQIVPYILNKLSNVALALIVATRGGLPGADDL
;
A,B
2 'polypeptide(L)' SQDLLDLF D,E,F,G,H
#
# COMPACT_ATOMS: atom_id res chain seq x y z
N ALA A 2 0.77 -5.88 0.59
CA ALA A 2 0.64 -7.31 0.41
C ALA A 2 1.21 -8.08 1.61
N MET A 3 2.38 -7.67 2.11
CA MET A 3 2.98 -8.31 3.27
C MET A 3 3.20 -7.30 4.41
N ALA A 4 3.39 -7.84 5.61
CA ALA A 4 3.79 -7.13 6.83
C ALA A 4 5.32 -7.14 7.00
N MET A 5 5.81 -6.24 7.85
CA MET A 5 7.25 -6.22 8.15
C MET A 5 7.72 -7.51 8.78
N SER A 6 6.90 -8.12 9.63
CA SER A 6 7.34 -9.31 10.38
C SER A 6 7.58 -10.49 9.44
N ASP A 7 6.69 -10.67 8.45
CA ASP A 7 6.77 -11.84 7.60
C ASP A 7 7.86 -11.74 6.55
N LEU A 8 8.31 -10.53 6.24
CA LEU A 8 9.39 -10.32 5.29
C LEU A 8 10.75 -10.52 5.95
N PRO A 9 11.71 -11.08 5.22
CA PRO A 9 13.02 -11.40 5.81
C PRO A 9 13.93 -10.19 5.98
N ILE A 10 13.40 -9.07 6.44
CA ILE A 10 14.19 -7.86 6.62
C ILE A 10 13.97 -7.36 8.04
N GLU A 11 15.03 -6.81 8.62
CA GLU A 11 14.93 -6.20 9.94
C GLU A 11 14.83 -4.69 9.83
N PHE A 12 13.93 -4.14 10.66
CA PHE A 12 13.56 -2.75 10.72
C PHE A 12 13.97 -2.19 12.06
N THR A 13 14.72 -1.09 12.04
CA THR A 13 15.21 -0.47 13.25
C THR A 13 14.91 1.01 13.19
N GLU A 14 14.72 1.60 14.36
CA GLU A 14 14.66 3.05 14.52
C GLU A 14 15.97 3.46 15.19
N LEU A 15 16.84 4.13 14.44
CA LEU A 15 18.13 4.46 15.02
C LEU A 15 18.02 5.59 16.04
N VAL A 16 17.15 6.57 15.77
CA VAL A 16 16.95 7.70 16.66
C VAL A 16 15.63 8.36 16.33
N ASP A 17 15.01 8.94 17.33
CA ASP A 17 13.87 9.83 17.17
C ASP A 17 14.42 11.25 17.38
N LEU A 18 14.67 11.97 16.29
CA LEU A 18 15.29 13.29 16.38
C LEU A 18 14.43 14.25 17.22
N MET A 19 13.12 14.12 17.11
CA MET A 19 12.23 15.05 17.81
C MET A 19 12.23 14.80 19.31
N SER A 20 12.55 13.58 19.74
CA SER A 20 12.74 13.32 21.16
C SER A 20 14.09 13.79 21.66
N LEU A 21 14.91 14.39 20.81
CA LEU A 21 16.18 14.99 21.20
C LEU A 21 16.12 16.50 21.21
N GLY A 22 14.94 17.09 21.09
CA GLY A 22 14.83 18.53 21.11
C GLY A 22 15.09 19.21 19.78
N ILE A 23 15.02 18.47 18.68
CA ILE A 23 15.24 19.05 17.36
C ILE A 23 13.91 19.59 16.85
N SER A 24 13.90 20.86 16.47
CA SER A 24 12.66 21.48 16.05
C SER A 24 12.23 20.94 14.69
N PRO A 25 10.92 20.78 14.46
CA PRO A 25 10.47 20.23 13.16
C PRO A 25 10.76 21.13 11.99
N GLN A 26 11.09 22.41 12.23
CA GLN A 26 11.37 23.31 11.11
C GLN A 26 12.68 22.96 10.42
N PHE A 27 13.61 22.35 11.15
CA PHE A 27 14.91 21.98 10.61
C PHE A 27 14.95 20.55 10.07
N LEU A 28 13.80 19.89 9.95
CA LEU A 28 13.75 18.53 9.40
C LEU A 28 13.36 18.59 7.92
N ASP A 29 14.30 19.07 7.13
CA ASP A 29 14.13 19.18 5.68
C ASP A 29 15.45 18.82 5.01
N PHE A 30 15.37 18.64 3.69
CA PHE A 30 16.52 18.15 2.92
C PHE A 30 17.73 19.07 3.02
N ARG A 31 17.53 20.36 3.25
CA ARG A 31 18.65 21.30 3.26
C ARG A 31 19.18 21.55 4.65
N SER A 32 18.38 21.28 5.68
CA SER A 32 18.77 21.54 7.07
C SER A 32 19.27 20.31 7.80
N THR A 33 18.84 19.13 7.41
CA THR A 33 19.23 17.88 8.05
C THR A 33 19.92 17.03 7.01
N THR A 34 21.24 16.91 7.12
CA THR A 34 22.04 16.19 6.15
C THR A 34 22.41 14.82 6.70
N PHE A 35 22.43 13.83 5.81
CA PHE A 35 22.60 12.43 6.18
C PHE A 35 23.59 11.83 5.16
N GLU A 36 24.84 11.67 5.59
CA GLU A 36 25.90 11.20 4.71
C GLU A 36 26.27 9.74 4.92
N SER A 37 25.98 9.19 6.09
CA SER A 37 26.23 7.80 6.43
C SER A 37 25.45 7.50 7.70
N ASP A 38 25.49 6.25 8.14
CA ASP A 38 24.76 5.86 9.35
C ASP A 38 25.48 6.24 10.63
N HIS A 39 26.48 7.13 10.56
CA HIS A 39 27.27 7.52 11.73
C HIS A 39 26.82 8.85 12.35
N PHE A 40 26.53 9.86 11.53
CA PHE A 40 26.20 11.18 12.05
C PHE A 40 24.96 11.73 11.36
N VAL A 41 24.19 12.50 12.12
CA VAL A 41 23.14 13.34 11.56
C VAL A 41 23.45 14.80 11.91
N THR A 42 23.38 15.68 10.91
CA THR A 42 23.75 17.08 11.08
C THR A 42 22.53 17.97 10.86
N VAL A 43 22.14 18.69 11.90
CA VAL A 43 20.98 19.57 11.86
C VAL A 43 21.50 21.00 11.96
N ARG A 44 21.27 21.78 10.90
CA ARG A 44 21.58 23.20 10.90
C ARG A 44 20.36 23.94 11.46
N GLU A 45 20.53 24.59 12.60
CA GLU A 45 19.46 25.33 13.24
C GLU A 45 19.72 26.82 13.00
N THR A 46 19.01 27.38 12.02
CA THR A 46 19.03 28.82 11.78
C THR A 46 17.88 29.38 12.61
N LYS A 47 18.19 30.13 13.63
CA LYS A 47 17.11 30.52 14.52
C LYS A 47 17.04 32.00 14.85
N ASP A 48 18.19 32.67 14.94
CA ASP A 48 18.19 34.10 15.26
C ASP A 48 19.50 34.77 14.86
N GLY A 49 20.06 34.35 13.74
CA GLY A 49 21.33 34.90 13.28
C GLY A 49 22.49 34.08 13.78
N THR A 50 22.56 33.86 15.10
CA THR A 50 23.60 33.03 15.68
C THR A 50 23.16 31.58 15.58
N ASN A 51 23.29 31.07 14.36
CA ASN A 51 22.91 29.71 14.03
C ASN A 51 23.76 28.70 14.80
N SER A 52 23.22 27.50 14.95
CA SER A 52 23.93 26.43 15.63
C SER A 52 23.84 25.16 14.79
N VAL A 53 24.68 24.19 15.11
CA VAL A 53 24.66 22.87 14.50
C VAL A 53 24.57 21.83 15.59
N ALA A 54 23.67 20.88 15.39
CA ALA A 54 23.58 19.69 16.20
C ALA A 54 24.16 18.52 15.41
N ILE A 55 25.19 17.89 15.94
CA ILE A 55 25.75 16.67 15.39
C ILE A 55 25.33 15.53 16.31
N VAL A 56 24.50 14.64 15.78
CA VAL A 56 24.00 13.49 16.51
C VAL A 56 24.86 12.30 16.11
N ASP A 57 25.65 11.81 17.07
CA ASP A 57 26.48 10.63 16.90
C ASP A 57 25.58 9.42 17.13
N LEU A 58 25.20 8.77 16.03
CA LEU A 58 24.36 7.57 16.09
C LEU A 58 25.11 6.37 16.66
N ALA A 59 26.43 6.33 16.47
CA ALA A 59 27.23 5.26 17.06
C ALA A 59 27.27 5.38 18.58
N LYS A 60 27.77 6.50 19.10
CA LYS A 60 27.89 6.68 20.56
C LYS A 60 26.56 7.15 21.13
N GLY A 61 25.63 6.21 21.21
CA GLY A 61 24.31 6.43 21.80
C GLY A 61 23.67 7.76 21.51
N ASN A 62 23.65 8.12 20.23
CA ASN A 62 22.99 9.32 19.73
C ASN A 62 23.37 10.55 20.56
N GLU A 63 24.68 10.73 20.73
CA GLU A 63 25.20 11.85 21.51
C GLU A 63 25.12 13.14 20.71
N VAL A 64 24.62 14.20 21.32
CA VAL A 64 24.41 15.47 20.63
C VAL A 64 25.56 16.40 20.98
N THR A 65 26.28 16.84 19.95
CA THR A 65 27.33 17.85 20.08
C THR A 65 26.82 19.10 19.37
N ARG A 66 26.52 20.14 20.14
CA ARG A 66 25.94 21.37 19.63
C ARG A 66 26.98 22.49 19.69
N LYS A 67 27.17 23.17 18.56
CA LYS A 67 28.10 24.30 18.51
C LYS A 67 27.50 25.40 17.65
N ASN A 68 27.74 26.65 18.04
CA ASN A 68 27.23 27.77 17.24
C ASN A 68 28.07 27.93 15.98
N MET A 69 27.38 28.10 14.85
CA MET A 69 28.01 28.15 13.54
C MET A 69 27.43 29.31 12.74
N GLY A 70 28.25 29.89 11.87
CA GLY A 70 27.78 30.98 11.03
C GLY A 70 27.70 30.74 9.54
N GLY A 71 27.19 29.58 9.12
CA GLY A 71 27.11 29.25 7.72
C GLY A 71 25.69 28.88 7.31
N ASP A 72 25.51 28.66 6.01
CA ASP A 72 24.22 28.26 5.46
C ASP A 72 24.18 26.79 5.04
N SER A 73 25.24 26.02 5.28
CA SER A 73 25.16 24.57 5.11
C SER A 73 26.30 23.89 5.86
N ALA A 74 26.02 22.70 6.38
CA ALA A 74 27.01 21.94 7.12
C ALA A 74 26.75 20.45 6.95
N ILE A 75 27.83 19.69 6.74
CA ILE A 75 27.75 18.23 6.60
C ILE A 75 28.88 17.55 7.36
N MET A 76 28.67 16.28 7.69
CA MET A 76 29.65 15.46 8.40
C MET A 76 30.30 14.44 7.47
N HIS A 77 31.45 13.93 7.92
CA HIS A 77 32.17 12.90 7.19
C HIS A 77 31.45 11.55 7.30
N PRO A 78 31.58 10.68 6.30
CA PRO A 78 30.96 9.35 6.40
C PRO A 78 31.35 8.55 7.64
N SER A 79 32.56 8.75 8.16
CA SER A 79 32.99 7.96 9.31
C SER A 79 33.88 8.71 10.30
N GLN A 80 34.58 9.75 9.90
CA GLN A 80 35.42 10.49 10.82
C GLN A 80 34.68 11.70 11.40
N MET A 81 35.31 12.33 12.38
CA MET A 81 34.76 13.50 13.08
C MET A 81 35.16 14.80 12.39
N VAL A 82 34.88 14.89 11.10
CA VAL A 82 35.22 16.05 10.28
C VAL A 82 33.93 16.74 9.84
N ILE A 83 33.87 18.06 10.02
CA ILE A 83 32.69 18.84 9.64
C ILE A 83 33.09 19.81 8.54
N SER A 84 32.28 19.85 7.48
CA SER A 84 32.44 20.81 6.40
C SER A 84 31.32 21.83 6.49
N VAL A 85 31.69 23.11 6.47
CA VAL A 85 30.74 24.20 6.62
C VAL A 85 30.93 25.18 5.47
N ARG A 86 29.82 25.63 4.90
CA ARG A 86 29.86 26.64 3.85
C ARG A 86 28.90 27.77 4.16
N ALA A 87 29.31 28.99 3.79
CA ALA A 87 28.56 30.21 4.04
C ALA A 87 28.56 31.07 2.78
N ASN A 88 27.40 31.65 2.48
CA ASN A 88 27.12 32.40 1.26
C ASN A 88 27.25 31.56 0.00
N GLY A 89 27.41 30.24 0.15
CA GLY A 89 27.75 29.40 -0.98
C GLY A 89 29.17 29.59 -1.48
N THR A 90 29.94 30.49 -0.87
CA THR A 90 31.25 30.86 -1.40
C THR A 90 32.41 30.56 -0.47
N ILE A 91 32.26 30.82 0.83
CA ILE A 91 33.33 30.58 1.79
C ILE A 91 33.16 29.17 2.36
N VAL A 92 34.18 28.34 2.21
CA VAL A 92 34.13 26.94 2.63
C VAL A 92 35.25 26.70 3.64
N GLN A 93 34.94 25.93 4.67
CA GLN A 93 35.86 25.68 5.78
C GLN A 93 35.57 24.30 6.34
N ILE A 94 36.60 23.45 6.36
CA ILE A 94 36.46 22.06 6.80
C ILE A 94 37.40 21.83 7.97
N PHE A 95 36.84 21.36 9.09
CA PHE A 95 37.51 21.21 10.37
C PHE A 95 37.50 19.77 10.85
N ASN A 96 38.63 19.33 11.40
CA ASN A 96 38.67 18.14 12.24
C ASN A 96 38.32 18.54 13.68
N LEU A 97 37.33 17.87 14.26
CA LEU A 97 36.81 18.23 15.57
C LEU A 97 37.56 17.60 16.74
N GLU A 98 38.43 16.62 16.49
CA GLU A 98 39.17 16.01 17.58
C GLU A 98 40.59 16.53 17.69
N THR A 99 41.16 16.98 16.59
CA THR A 99 42.44 17.68 16.57
C THR A 99 42.29 19.19 16.59
N LYS A 100 41.07 19.73 16.52
CA LYS A 100 40.85 21.18 16.46
C LYS A 100 41.58 21.85 15.30
N SER A 101 41.88 21.09 14.24
CA SER A 101 42.69 21.60 13.14
C SER A 101 41.83 21.87 11.92
N LYS A 102 42.16 22.95 11.20
CA LYS A 102 41.41 23.39 10.03
C LYS A 102 41.94 22.66 8.80
N LEU A 103 41.22 21.61 8.39
CA LEU A 103 41.69 20.78 7.27
C LEU A 103 41.71 21.58 5.97
N LYS A 104 40.67 22.38 5.73
CA LYS A 104 40.58 23.18 4.51
C LYS A 104 39.96 24.54 4.81
N SER A 105 40.33 25.54 4.02
CA SER A 105 39.72 26.86 4.08
C SER A 105 39.95 27.56 2.76
N PHE A 106 38.88 27.90 2.04
CA PHE A 106 39.04 28.58 0.75
C PHE A 106 37.74 29.26 0.36
N THR A 107 37.77 29.92 -0.80
CA THR A 107 36.65 30.70 -1.32
C THR A 107 36.53 30.44 -2.81
N LEU A 108 35.40 29.88 -3.23
CA LEU A 108 35.15 29.62 -4.64
C LEU A 108 34.79 30.91 -5.37
N ASP A 109 34.89 30.88 -6.70
CA ASP A 109 34.52 32.06 -7.47
C ASP A 109 33.01 32.15 -7.67
N GLU A 110 32.38 31.04 -8.04
CA GLU A 110 30.94 30.94 -8.11
C GLU A 110 30.42 30.11 -6.94
N PRO A 111 29.22 30.41 -6.44
CA PRO A 111 28.71 29.70 -5.25
C PRO A 111 28.42 28.22 -5.49
N VAL A 112 28.46 27.46 -4.41
CA VAL A 112 28.18 26.03 -4.43
C VAL A 112 26.72 25.78 -4.06
N ILE A 113 26.00 25.11 -4.94
CA ILE A 113 24.59 24.77 -4.74
C ILE A 113 24.41 23.48 -3.93
N PHE A 114 25.32 22.53 -4.07
CA PHE A 114 25.15 21.21 -3.46
C PHE A 114 26.50 20.56 -3.29
N TRP A 115 26.66 19.81 -2.20
CA TRP A 115 27.88 19.05 -1.97
C TRP A 115 27.57 17.76 -1.25
N ARG A 116 28.49 16.81 -1.35
CA ARG A 116 28.31 15.49 -0.77
C ARG A 116 29.66 14.78 -0.81
N TRP A 117 29.85 13.85 0.11
CA TRP A 117 31.09 13.07 0.17
C TRP A 117 31.04 11.95 -0.88
N LEU A 118 31.92 12.04 -1.88
CA LEU A 118 31.97 10.99 -2.90
C LEU A 118 32.58 9.71 -2.36
N SER A 119 33.49 9.82 -1.38
CA SER A 119 34.16 8.67 -0.79
C SER A 119 34.71 9.06 0.57
N GLU A 120 35.44 8.14 1.19
CA GLU A 120 36.06 8.41 2.48
C GLU A 120 37.12 9.50 2.42
N THR A 121 37.63 9.79 1.22
CA THR A 121 38.71 10.74 1.03
C THR A 121 38.31 11.98 0.27
N THR A 122 37.23 11.93 -0.51
CA THR A 122 36.95 12.96 -1.49
C THR A 122 35.56 13.57 -1.28
N LEU A 123 35.49 14.89 -1.41
CA LEU A 123 34.25 15.62 -1.23
C LEU A 123 33.90 16.34 -2.54
N GLY A 124 32.69 16.12 -3.03
CA GLY A 124 32.25 16.68 -4.29
C GLY A 124 31.43 17.95 -4.13
N PHE A 125 31.58 18.87 -5.09
CA PHE A 125 30.88 20.14 -5.13
C PHE A 125 30.16 20.28 -6.47
N VAL A 126 28.97 20.86 -6.45
CA VAL A 126 28.26 21.25 -7.65
C VAL A 126 27.89 22.73 -7.53
N THR A 127 28.22 23.52 -8.54
CA THR A 127 27.83 24.92 -8.57
C THR A 127 26.66 25.08 -9.54
N ALA A 128 26.37 26.32 -9.93
CA ALA A 128 25.34 26.55 -10.93
C ALA A 128 25.77 26.12 -12.32
N ARG A 129 27.07 25.94 -12.55
CA ARG A 129 27.57 25.63 -13.89
C ARG A 129 28.63 24.54 -13.93
N SER A 130 29.35 24.28 -12.83
CA SER A 130 30.47 23.37 -12.84
C SER A 130 30.31 22.28 -11.79
N ILE A 131 31.15 21.25 -11.91
CA ILE A 131 31.20 20.13 -10.99
C ILE A 131 32.65 19.96 -10.59
N LEU A 132 32.92 20.06 -9.28
CA LEU A 132 34.26 20.09 -8.74
C LEU A 132 34.43 18.97 -7.71
N THR A 133 35.69 18.69 -7.39
CA THR A 133 36.03 17.62 -6.44
C THR A 133 37.24 18.05 -5.63
N SER A 134 37.26 17.68 -4.35
CA SER A 134 38.31 18.11 -3.44
C SER A 134 38.81 16.94 -2.60
N ASN A 135 40.13 16.75 -2.59
CA ASN A 135 40.79 15.84 -1.66
C ASN A 135 41.10 16.63 -0.39
N VAL A 136 40.17 16.60 0.56
CA VAL A 136 40.30 17.43 1.76
C VAL A 136 41.36 16.93 2.72
N PHE A 137 41.92 15.73 2.49
CA PHE A 137 42.94 15.18 3.35
C PHE A 137 44.33 15.23 2.73
N ASP A 138 44.52 16.07 1.71
CA ASP A 138 45.79 16.10 0.99
C ASP A 138 46.87 16.92 1.68
N GLY A 139 46.50 17.77 2.65
CA GLY A 139 47.44 18.55 3.40
C GLY A 139 47.54 20.00 2.98
N ASN A 140 47.08 20.34 1.76
CA ASN A 140 47.11 21.71 1.26
C ASN A 140 45.85 22.42 1.75
N VAL A 141 45.99 23.21 2.81
CA VAL A 141 44.83 23.78 3.50
C VAL A 141 44.11 24.77 2.58
N ASN A 142 44.86 25.55 1.80
CA ASN A 142 44.31 26.62 0.99
C ASN A 142 44.04 26.20 -0.45
N ALA A 143 43.97 24.90 -0.71
CA ALA A 143 43.78 24.39 -2.08
C ALA A 143 42.31 24.34 -2.44
N LYS A 144 41.92 25.11 -3.44
CA LYS A 144 40.55 25.11 -3.95
C LYS A 144 40.27 23.81 -4.72
N PRO A 145 38.99 23.40 -4.78
CA PRO A 145 38.69 22.09 -5.39
C PRO A 145 39.03 22.05 -6.88
N GLN A 146 39.55 20.91 -7.33
CA GLN A 146 39.85 20.69 -8.74
C GLN A 146 38.57 20.51 -9.55
N LEU A 147 38.49 21.18 -10.69
CA LEU A 147 37.32 21.06 -11.56
C LEU A 147 37.24 19.66 -12.13
N LEU A 148 36.07 19.05 -12.01
CA LEU A 148 35.83 17.71 -12.53
C LEU A 148 35.29 17.80 -13.96
N THR A 149 34.19 18.55 -14.15
CA THR A 149 33.67 18.78 -15.50
C THR A 149 32.64 19.91 -15.43
N LEU A 150 31.96 20.17 -16.55
CA LEU A 150 30.89 21.16 -16.56
C LEU A 150 29.53 20.48 -16.52
N ARG A 151 28.54 21.21 -15.99
CA ARG A 151 27.20 20.67 -15.89
C ARG A 151 26.56 20.55 -17.26
N HIS A 152 26.01 19.37 -17.55
CA HIS A 152 25.27 19.17 -18.79
C HIS A 152 24.02 20.04 -18.80
N ALA A 153 23.57 20.39 -20.01
CA ALA A 153 22.43 21.29 -20.16
C ALA A 153 21.16 20.68 -19.60
N ASN A 154 21.04 19.35 -19.58
CA ASN A 154 19.83 18.74 -19.07
C ASN A 154 19.63 19.04 -17.58
N LEU A 155 20.68 19.43 -16.88
CA LEU A 155 20.56 19.75 -15.46
C LEU A 155 20.18 21.22 -15.22
N ASN A 156 20.08 22.01 -16.28
CA ASN A 156 19.73 23.41 -16.10
C ASN A 156 18.30 23.51 -15.57
N ASN A 157 18.08 24.53 -14.73
CA ASN A 157 16.78 24.80 -14.13
C ASN A 157 16.26 23.64 -13.29
N THR A 158 17.16 22.84 -12.72
CA THR A 158 16.82 21.79 -11.78
C THR A 158 17.52 22.07 -10.46
N GLN A 159 17.05 21.43 -9.39
CA GLN A 159 17.76 21.49 -8.12
C GLN A 159 18.54 20.19 -7.93
N ILE A 160 19.86 20.32 -7.86
CA ILE A 160 20.75 19.18 -7.70
C ILE A 160 20.50 18.55 -6.34
N ILE A 161 20.21 17.25 -6.33
CA ILE A 161 19.93 16.54 -5.09
C ILE A 161 20.90 15.40 -4.82
N ASN A 162 21.75 15.02 -5.78
CA ASN A 162 22.69 13.95 -5.48
C ASN A 162 23.93 14.03 -6.35
N PHE A 163 25.00 13.40 -5.84
CA PHE A 163 26.31 13.37 -6.50
C PHE A 163 26.97 12.06 -6.06
N VAL A 164 27.16 11.12 -6.99
CA VAL A 164 27.65 9.78 -6.67
C VAL A 164 28.83 9.44 -7.56
N ALA A 165 29.72 8.59 -7.05
CA ALA A 165 30.88 8.16 -7.80
C ALA A 165 31.10 6.67 -7.60
N ASN A 166 31.97 6.11 -8.44
CA ASN A 166 32.35 4.73 -8.24
C ASN A 166 33.61 4.69 -7.38
N LYS A 167 34.04 3.48 -7.01
CA LYS A 167 35.16 3.36 -6.08
C LYS A 167 36.45 3.89 -6.69
N ASN A 168 36.64 3.71 -7.99
CA ASN A 168 37.82 4.22 -8.67
C ASN A 168 37.79 5.72 -8.89
N LEU A 169 36.66 6.38 -8.62
CA LEU A 169 36.51 7.83 -8.83
C LEU A 169 36.85 8.23 -10.26
N ASP A 170 36.31 7.49 -11.23
CA ASP A 170 36.41 7.89 -12.62
C ASP A 170 35.08 7.76 -13.37
N TRP A 171 34.02 7.30 -12.72
CA TRP A 171 32.64 7.43 -13.19
C TRP A 171 31.83 8.19 -12.15
N PHE A 172 30.99 9.11 -12.62
CA PHE A 172 30.24 9.99 -11.74
C PHE A 172 28.82 10.17 -12.26
N ALA A 173 27.91 10.49 -11.35
CA ALA A 173 26.53 10.78 -11.69
C ALA A 173 26.04 11.93 -10.82
N VAL A 174 25.48 12.95 -11.45
CA VAL A 174 24.89 14.08 -10.73
C VAL A 174 23.40 14.07 -11.02
N VAL A 175 22.59 14.12 -9.96
CA VAL A 175 21.15 13.96 -10.04
C VAL A 175 20.50 15.28 -9.66
N GLY A 176 19.68 15.80 -10.56
CA GLY A 176 18.84 16.95 -10.27
C GLY A 176 17.38 16.66 -10.56
N ILE A 177 16.46 17.37 -9.91
CA ILE A 177 15.04 17.16 -10.14
C ILE A 177 14.41 18.50 -10.48
N LEU A 178 13.27 18.41 -11.15
CA LEU A 178 12.50 19.60 -11.49
C LEU A 178 11.02 19.22 -11.46
N GLN A 179 10.17 20.24 -11.48
CA GLN A 179 8.74 20.02 -11.40
C GLN A 179 8.19 20.05 -12.82
N GLU A 180 7.46 18.99 -13.19
CA GLU A 180 7.00 18.80 -14.56
C GLU A 180 5.68 18.03 -14.58
N ASN A 181 4.72 18.60 -15.30
CA ASN A 181 3.42 17.97 -15.49
C ASN A 181 2.78 17.64 -14.14
N GLY A 182 2.95 18.55 -13.18
CA GLY A 182 2.47 18.39 -11.82
C GLY A 182 3.24 17.42 -10.95
N ARG A 183 4.10 16.59 -11.52
CA ARG A 183 4.89 15.63 -10.77
C ARG A 183 6.34 16.11 -10.68
N ILE A 184 7.21 15.25 -10.16
CA ILE A 184 8.64 15.51 -10.06
C ILE A 184 9.37 14.65 -11.06
N ALA A 185 10.08 15.29 -11.98
CA ALA A 185 10.91 14.59 -12.96
C ALA A 185 12.36 14.67 -12.53
N GLY A 186 13.13 13.63 -12.88
CA GLY A 186 14.54 13.57 -12.54
C GLY A 186 15.41 13.53 -13.78
N ARG A 187 16.58 14.18 -13.69
CA ARG A 187 17.60 14.19 -14.73
C ARG A 187 18.93 13.79 -14.10
N ILE A 188 19.71 13.02 -14.84
CA ILE A 188 21.02 12.55 -14.40
C ILE A 188 22.04 12.90 -15.47
N GLN A 189 23.16 13.45 -15.03
CA GLN A 189 24.36 13.59 -15.87
C GLN A 189 25.33 12.49 -15.46
N LEU A 190 25.62 11.58 -16.39
CA LEU A 190 26.65 10.58 -16.22
C LEU A 190 27.94 11.13 -16.80
N PHE A 191 29.06 10.87 -16.14
CA PHE A 191 30.34 11.38 -16.63
C PHE A 191 31.41 10.32 -16.49
N SER A 192 32.08 10.01 -17.60
CA SER A 192 33.28 9.19 -17.61
C SER A 192 34.48 10.12 -17.67
N LYS A 193 35.33 10.03 -16.66
CA LYS A 193 36.48 10.92 -16.50
C LYS A 193 37.61 10.56 -17.47
N GLN A 194 37.86 9.28 -17.68
CA GLN A 194 38.93 8.89 -18.58
C GLN A 194 38.60 9.23 -20.03
N ARG A 195 37.33 9.16 -20.41
CA ARG A 195 36.93 9.58 -21.73
C ARG A 195 36.62 11.07 -21.83
N ASN A 196 36.48 11.75 -20.69
CA ASN A 196 36.04 13.14 -20.62
C ASN A 196 34.75 13.33 -21.40
N ILE A 197 33.76 12.48 -21.11
CA ILE A 197 32.51 12.51 -21.86
C ILE A 197 31.35 12.40 -20.86
N SER A 198 30.29 13.16 -21.12
CA SER A 198 29.05 13.11 -20.34
C SER A 198 27.91 12.54 -21.18
N GLN A 199 26.86 12.11 -20.48
CA GLN A 199 25.64 11.60 -21.09
C GLN A 199 24.45 11.99 -20.24
N ALA A 200 23.36 12.37 -20.91
CA ALA A 200 22.15 12.84 -20.26
C ALA A 200 21.11 11.74 -20.27
N ILE A 201 20.61 11.37 -19.08
CA ILE A 201 19.54 10.37 -18.99
C ILE A 201 18.49 10.88 -18.02
N ASP A 202 17.31 10.27 -18.08
CA ASP A 202 16.25 10.55 -17.12
C ASP A 202 16.40 9.62 -15.93
N GLY A 203 16.23 10.18 -14.74
CA GLY A 203 16.31 9.34 -13.57
C GLY A 203 16.27 10.11 -12.27
N HIS A 204 15.68 9.50 -11.25
CA HIS A 204 15.61 10.09 -9.93
C HIS A 204 16.73 9.63 -9.03
N VAL A 205 17.26 8.42 -9.23
CA VAL A 205 18.27 7.86 -8.34
C VAL A 205 19.35 7.16 -9.14
N ALA A 206 20.58 7.17 -8.59
CA ALA A 206 21.73 6.58 -9.26
C ALA A 206 22.73 6.09 -8.21
N ILE A 207 23.41 4.98 -8.53
CA ILE A 207 24.49 4.47 -7.69
C ILE A 207 25.37 3.56 -8.55
N PHE A 208 26.65 3.47 -8.19
CA PHE A 208 27.59 2.55 -8.80
C PHE A 208 27.90 1.44 -7.81
N THR A 209 28.01 0.20 -8.30
CA THR A 209 28.31 -0.92 -7.42
C THR A 209 29.01 -2.02 -8.21
N ASN A 210 29.33 -3.11 -7.52
CA ASN A 210 30.05 -4.23 -8.11
C ASN A 210 29.28 -5.52 -7.87
N ILE A 211 29.56 -6.53 -8.71
CA ILE A 211 28.92 -7.84 -8.58
C ILE A 211 29.83 -8.90 -9.20
N LEU A 212 30.06 -9.99 -8.45
CA LEU A 212 30.81 -11.15 -8.93
C LEU A 212 29.90 -12.05 -9.74
N LEU A 213 30.27 -12.31 -10.98
CA LEU A 213 29.49 -13.16 -11.86
C LEU A 213 30.15 -14.52 -11.96
N GLU A 214 29.33 -15.55 -12.17
CA GLU A 214 29.84 -16.91 -12.31
C GLU A 214 30.83 -16.99 -13.46
N GLY A 215 32.00 -17.54 -13.19
CA GLY A 215 33.04 -17.67 -14.19
C GLY A 215 34.12 -16.61 -14.09
N ASN A 216 33.83 -15.48 -13.47
CA ASN A 216 34.82 -14.41 -13.34
C ASN A 216 35.72 -14.58 -12.13
N GLY A 217 35.72 -15.76 -11.50
CA GLY A 217 36.61 -16.02 -10.39
C GLY A 217 36.20 -15.23 -9.16
N SER A 218 37.14 -14.43 -8.65
CA SER A 218 36.90 -13.54 -7.52
C SER A 218 36.97 -12.08 -7.93
N THR A 219 36.88 -11.81 -9.24
CA THR A 219 37.02 -10.46 -9.76
C THR A 219 35.65 -9.87 -10.07
N PRO A 220 35.27 -8.75 -9.46
CA PRO A 220 33.93 -8.22 -9.68
C PRO A 220 33.82 -7.53 -11.04
N VAL A 221 32.57 -7.25 -11.40
CA VAL A 221 32.22 -6.47 -12.57
C VAL A 221 31.48 -5.22 -12.08
N GLN A 222 31.70 -4.09 -12.76
CA GLN A 222 31.12 -2.82 -12.37
C GLN A 222 29.77 -2.60 -13.03
N VAL A 223 28.77 -2.20 -12.24
CA VAL A 223 27.44 -1.93 -12.76
C VAL A 223 26.94 -0.61 -12.20
N PHE A 224 26.10 0.05 -13.00
CA PHE A 224 25.45 1.30 -12.66
C PHE A 224 23.97 1.02 -12.56
N VAL A 225 23.39 1.43 -11.42
CA VAL A 225 21.99 1.21 -11.10
C VAL A 225 21.29 2.56 -11.10
N THR A 226 20.18 2.66 -11.83
CA THR A 226 19.46 3.92 -11.89
C THR A 226 17.96 3.66 -11.85
N GLY A 227 17.25 4.51 -11.14
CA GLY A 227 15.79 4.43 -11.05
C GLY A 227 15.14 5.73 -11.49
N ASN A 228 14.01 5.61 -12.19
CA ASN A 228 13.31 6.75 -12.77
C ASN A 228 11.81 6.49 -12.73
N ARG A 229 11.03 7.56 -12.60
CA ARG A 229 9.59 7.50 -12.86
C ARG A 229 9.22 8.59 -13.85
N ASN A 230 8.58 8.21 -14.94
CA ASN A 230 8.25 9.15 -16.00
C ASN A 230 7.19 10.15 -15.53
N ALA A 231 7.53 11.44 -15.54
CA ALA A 231 6.60 12.45 -15.06
C ALA A 231 5.33 12.51 -15.89
N THR A 232 5.39 12.07 -17.15
CA THR A 232 4.22 12.16 -18.02
C THR A 232 3.33 10.93 -17.94
N THR A 233 3.92 9.74 -18.04
CA THR A 233 3.16 8.49 -18.10
C THR A 233 3.01 7.83 -16.74
N GLY A 234 3.85 8.17 -15.76
CA GLY A 234 3.84 7.50 -14.49
C GLY A 234 4.56 6.18 -14.47
N ALA A 235 4.98 5.67 -15.63
CA ALA A 235 5.73 4.43 -15.67
C ALA A 235 7.08 4.58 -14.96
N GLY A 236 7.42 3.60 -14.14
CA GLY A 236 8.65 3.63 -13.37
C GLY A 236 9.53 2.46 -13.77
N GLU A 237 10.84 2.72 -13.83
CA GLU A 237 11.79 1.75 -14.35
C GLU A 237 13.09 1.80 -13.58
N LEU A 238 13.63 0.61 -13.32
CA LEU A 238 14.93 0.38 -12.71
C LEU A 238 15.84 -0.26 -13.75
N ARG A 239 17.04 0.27 -13.92
CA ARG A 239 17.96 -0.20 -14.96
C ARG A 239 19.33 -0.46 -14.38
N ILE A 240 19.91 -1.60 -14.77
CA ILE A 240 21.22 -2.04 -14.32
C ILE A 240 22.06 -2.31 -15.55
N ILE A 241 23.18 -1.60 -15.68
CA ILE A 241 24.01 -1.67 -16.89
C ILE A 241 25.48 -1.69 -16.52
N GLU A 242 26.26 -2.46 -17.26
CA GLU A 242 27.67 -2.61 -16.93
C GLU A 242 28.48 -1.43 -17.43
N ILE A 243 29.55 -1.11 -16.71
CA ILE A 243 30.47 -0.08 -17.12
C ILE A 243 31.89 -0.65 -17.16
N ASP A 244 32.65 -0.25 -18.18
CA ASP A 244 34.06 -0.60 -18.37
C ASP A 244 34.38 -2.08 -18.17
N HIS A 245 33.83 -2.94 -19.04
CA HIS A 245 34.06 -4.38 -18.94
C HIS A 245 35.50 -4.76 -19.26
N ASP A 246 36.08 -5.61 -18.41
CA ASP A 246 37.42 -6.16 -18.62
C ASP A 246 37.35 -7.37 -19.55
N ALA A 247 38.02 -7.26 -20.71
CA ALA A 247 37.94 -8.33 -21.72
C ALA A 247 38.52 -9.64 -21.22
N SER A 248 39.51 -9.59 -20.31
CA SER A 248 40.03 -10.82 -19.73
C SER A 248 38.98 -11.57 -18.91
N LEU A 249 37.89 -10.91 -18.52
CA LEU A 249 36.85 -11.62 -17.81
C LEU A 249 35.86 -12.26 -18.79
N PRO A 250 35.53 -13.54 -18.63
CA PRO A 250 34.60 -14.17 -19.59
C PRO A 250 33.15 -13.75 -19.42
N SER A 251 32.68 -13.51 -18.19
CA SER A 251 31.27 -13.25 -17.96
C SER A 251 31.01 -11.75 -17.80
N GLN A 252 30.06 -11.23 -18.56
CA GLN A 252 29.70 -9.83 -18.44
C GLN A 252 28.24 -9.72 -18.02
N TYR A 253 27.93 -8.61 -17.34
CA TYR A 253 26.57 -8.38 -16.85
C TYR A 253 25.66 -8.02 -18.01
N GLN A 254 24.54 -8.75 -18.11
CA GLN A 254 23.57 -8.54 -19.17
C GLN A 254 22.61 -7.45 -18.70
N LYS A 255 22.46 -6.39 -19.50
CA LYS A 255 21.65 -5.26 -19.10
C LYS A 255 20.25 -5.71 -18.65
N GLU A 256 19.80 -5.19 -17.51
CA GLU A 256 18.49 -5.55 -16.99
C GLU A 256 17.64 -4.31 -16.78
N THR A 257 16.36 -4.42 -17.16
CA THR A 257 15.37 -3.38 -16.91
C THR A 257 14.17 -4.02 -16.23
N THR A 258 13.66 -3.37 -15.18
CA THR A 258 12.57 -3.90 -14.38
C THR A 258 11.57 -2.78 -14.10
N ASP A 259 10.29 -3.14 -14.05
CA ASP A 259 9.26 -2.15 -13.73
C ASP A 259 9.29 -1.86 -12.24
N ILE A 260 9.15 -0.59 -11.88
CA ILE A 260 8.97 -0.19 -10.49
C ILE A 260 7.48 -0.03 -10.23
N PHE A 261 7.00 -0.66 -9.16
CA PHE A 261 5.59 -0.70 -8.85
C PHE A 261 5.19 0.52 -8.03
N PHE A 262 4.04 1.10 -8.38
CA PHE A 262 3.46 2.20 -7.63
C PHE A 262 1.99 1.88 -7.42
N PRO A 263 1.50 1.86 -6.19
CA PRO A 263 0.09 1.56 -5.94
C PRO A 263 -0.80 2.68 -6.47
N PRO A 264 -2.10 2.43 -6.62
CA PRO A 264 -3.00 3.47 -7.16
C PRO A 264 -3.07 4.74 -6.33
N ASP A 265 -2.84 4.67 -5.03
CA ASP A 265 -2.90 5.87 -4.20
C ASP A 265 -1.62 6.70 -4.26
N ALA A 266 -0.51 6.14 -4.78
CA ALA A 266 0.74 6.88 -4.81
C ALA A 266 1.09 7.35 -6.22
N THR A 267 0.20 8.12 -6.84
CA THR A 267 0.44 8.55 -8.21
C THR A 267 1.53 9.63 -8.27
N ASN A 268 1.67 10.42 -7.21
CA ASN A 268 2.68 11.47 -7.15
C ASN A 268 3.95 11.03 -6.43
N ASP A 269 4.10 9.73 -6.18
CA ASP A 269 5.30 9.20 -5.57
C ASP A 269 6.40 9.06 -6.62
N PHE A 270 7.65 9.05 -6.16
CA PHE A 270 8.79 8.86 -7.05
C PHE A 270 9.95 8.32 -6.22
N PRO A 271 10.93 7.67 -6.85
CA PRO A 271 12.07 7.15 -6.09
C PRO A 271 12.91 8.29 -5.56
N ILE A 272 13.32 8.16 -4.30
CA ILE A 272 14.14 9.18 -3.66
C ILE A 272 15.54 8.68 -3.33
N ALA A 273 15.73 7.37 -3.17
CA ALA A 273 17.03 6.85 -2.77
C ALA A 273 17.25 5.48 -3.37
N VAL A 274 18.51 5.11 -3.49
CA VAL A 274 18.89 3.76 -3.89
C VAL A 274 20.21 3.42 -3.21
N GLN A 275 20.28 2.25 -2.60
CA GLN A 275 21.50 1.74 -2.00
C GLN A 275 21.61 0.27 -2.38
N VAL A 276 22.83 -0.25 -2.40
CA VAL A 276 23.09 -1.61 -2.83
C VAL A 276 24.00 -2.30 -1.83
N SER A 277 23.63 -3.50 -1.40
CA SER A 277 24.53 -4.36 -0.64
C SER A 277 25.32 -5.23 -1.61
N GLU A 278 26.61 -4.93 -1.77
CA GLU A 278 27.45 -5.76 -2.65
C GLU A 278 27.54 -7.19 -2.15
N LYS A 279 27.56 -7.35 -0.82
CA LYS A 279 27.72 -8.68 -0.22
C LYS A 279 26.55 -9.58 -0.56
N TYR A 280 25.33 -9.08 -0.38
CA TYR A 280 24.16 -9.89 -0.61
C TYR A 280 23.55 -9.72 -1.99
N GLY A 281 24.06 -8.78 -2.79
CA GLY A 281 23.52 -8.54 -4.11
C GLY A 281 22.08 -8.06 -4.07
N ILE A 282 21.81 -7.06 -3.24
CA ILE A 282 20.47 -6.54 -3.00
C ILE A 282 20.44 -5.07 -3.36
N ILE A 283 19.45 -4.67 -4.15
CA ILE A 283 19.19 -3.27 -4.44
C ILE A 283 18.03 -2.83 -3.56
N TYR A 284 18.28 -1.81 -2.74
CA TYR A 284 17.25 -1.14 -1.96
C TYR A 284 16.84 0.14 -2.68
N LEU A 285 15.58 0.21 -3.10
CA LEU A 285 15.05 1.40 -3.74
C LEU A 285 13.95 1.96 -2.86
N LEU A 286 14.16 3.16 -2.32
CA LEU A 286 13.21 3.83 -1.45
C LEU A 286 12.49 4.93 -2.21
N THR A 287 11.18 5.07 -1.97
CA THR A 287 10.40 6.13 -2.58
C THR A 287 10.09 7.22 -1.55
N LYS A 288 9.63 8.37 -2.05
CA LYS A 288 9.40 9.51 -1.16
C LYS A 288 8.27 9.23 -0.18
N TYR A 289 7.23 8.51 -0.62
CA TYR A 289 6.12 8.19 0.27
C TYR A 289 6.49 7.18 1.35
N GLY A 290 7.62 6.49 1.21
CA GLY A 290 8.06 5.56 2.23
C GLY A 290 8.03 4.09 1.83
N PHE A 291 7.77 3.77 0.56
CA PHE A 291 7.82 2.39 0.10
C PHE A 291 9.26 1.99 -0.15
N ILE A 292 9.64 0.82 0.35
CA ILE A 292 10.92 0.20 0.05
C ILE A 292 10.69 -0.97 -0.89
N HIS A 293 11.55 -1.05 -1.90
CA HIS A 293 11.60 -2.16 -2.85
C HIS A 293 12.95 -2.85 -2.70
N LEU A 294 12.92 -4.18 -2.62
CA LEU A 294 14.14 -4.98 -2.65
C LEU A 294 14.16 -5.75 -3.95
N TYR A 295 15.20 -5.51 -4.76
CA TYR A 295 15.49 -6.19 -6.01
C TYR A 295 16.76 -7.02 -5.88
N GLU A 296 16.83 -8.11 -6.63
CA GLU A 296 18.01 -8.95 -6.66
C GLU A 296 18.93 -8.43 -7.75
N LEU A 297 20.21 -8.28 -7.43
CA LEU A 297 21.12 -7.48 -8.27
C LEU A 297 21.42 -8.15 -9.61
N GLU A 298 21.68 -9.48 -9.61
CA GLU A 298 22.11 -10.11 -10.84
C GLU A 298 21.02 -10.15 -11.90
N THR A 299 19.77 -10.33 -11.49
CA THR A 299 18.64 -10.43 -12.40
C THR A 299 17.72 -9.21 -12.38
N GLY A 300 17.88 -8.30 -11.43
CA GLY A 300 16.99 -7.16 -11.37
C GLY A 300 15.58 -7.48 -10.94
N THR A 301 15.31 -8.71 -10.53
CA THR A 301 13.96 -9.13 -10.19
C THR A 301 13.55 -8.57 -8.83
N ASN A 302 12.34 -8.03 -8.75
CA ASN A 302 11.85 -7.52 -7.48
C ASN A 302 11.58 -8.66 -6.51
N LEU A 303 12.27 -8.63 -5.36
CA LEU A 303 12.01 -9.63 -4.34
C LEU A 303 10.79 -9.27 -3.53
N PHE A 304 10.66 -8.00 -3.14
CA PHE A 304 9.41 -7.62 -2.44
C PHE A 304 9.32 -6.11 -2.30
N VAL A 305 8.13 -5.68 -1.92
CA VAL A 305 7.77 -4.27 -1.77
C VAL A 305 7.01 -4.11 -0.46
N ASN A 306 7.33 -3.06 0.28
CA ASN A 306 6.67 -2.89 1.57
C ASN A 306 6.71 -1.41 1.95
N ARG A 307 5.77 -0.99 2.78
CA ARG A 307 5.69 0.39 3.23
C ARG A 307 6.28 0.49 4.64
N ILE A 308 7.42 1.19 4.78
CA ILE A 308 8.07 1.26 6.08
C ILE A 308 7.70 2.49 6.90
N THR A 309 6.98 3.45 6.31
CA THR A 309 6.63 4.66 7.03
C THR A 309 5.49 5.36 6.31
N ALA A 310 4.69 6.10 7.09
CA ALA A 310 3.62 6.91 6.54
C ALA A 310 4.07 8.34 6.24
N GLU A 311 5.02 8.86 7.01
CA GLU A 311 5.55 10.19 6.77
C GLU A 311 6.56 10.16 5.61
N SER A 312 6.56 11.21 4.81
CA SER A 312 7.48 11.26 3.68
C SER A 312 8.92 11.25 4.16
N VAL A 313 9.81 10.70 3.35
CA VAL A 313 11.24 10.73 3.61
C VAL A 313 11.84 11.81 2.73
N PHE A 314 12.92 12.43 3.21
CA PHE A 314 13.57 13.47 2.44
C PHE A 314 15.06 13.24 2.22
N THR A 315 15.67 12.26 2.87
CA THR A 315 17.06 11.92 2.64
C THR A 315 17.33 10.51 3.13
N ALA A 316 18.38 9.90 2.59
CA ALA A 316 18.75 8.53 2.92
C ALA A 316 20.26 8.39 2.88
N ALA A 317 20.73 7.18 3.20
CA ALA A 317 22.14 6.84 3.33
C ALA A 317 22.31 5.32 3.40
N PRO A 318 23.52 4.79 3.21
CA PRO A 318 23.74 3.36 3.47
C PRO A 318 23.74 3.07 4.97
N TYR A 319 23.43 1.82 5.29
CA TYR A 319 23.30 1.39 6.68
C TYR A 319 24.10 0.11 6.91
N ASN A 320 24.45 -0.12 8.17
CA ASN A 320 25.37 -1.16 8.62
C ASN A 320 26.69 -0.90 7.91
N HIS A 321 27.28 -1.86 7.22
CA HIS A 321 28.47 -1.60 6.42
C HIS A 321 28.07 -1.67 4.96
N GLU A 322 27.25 -0.69 4.57
CA GLU A 322 26.66 -0.61 3.24
C GLU A 322 25.94 -1.90 2.86
N ASN A 323 25.30 -2.52 3.86
CA ASN A 323 24.47 -3.70 3.65
C ASN A 323 22.99 -3.40 3.69
N GLY A 324 22.60 -2.20 4.14
CA GLY A 324 21.20 -1.82 4.18
C GLY A 324 21.01 -0.36 3.85
N ILE A 325 19.82 0.17 4.11
CA ILE A 325 19.51 1.57 3.80
C ILE A 325 18.88 2.23 5.01
N ALA A 326 19.35 3.42 5.36
CA ALA A 326 18.73 4.24 6.40
C ALA A 326 18.17 5.50 5.77
N CYS A 327 17.14 6.06 6.41
CA CYS A 327 16.49 7.24 5.86
C CYS A 327 15.94 8.08 7.00
N ILE A 328 15.67 9.35 6.70
CA ILE A 328 15.07 10.26 7.67
C ILE A 328 13.73 10.71 7.13
N ASN A 329 12.67 10.49 7.91
CA ASN A 329 11.36 10.94 7.45
C ASN A 329 11.06 12.36 7.93
N LYS A 330 9.99 12.94 7.39
CA LYS A 330 9.64 14.33 7.68
C LYS A 330 9.38 14.55 9.15
N LYS A 331 9.01 13.48 9.86
CA LYS A 331 8.78 13.57 11.30
C LYS A 331 10.10 13.66 12.06
N GLY A 332 11.17 13.08 11.53
CA GLY A 332 12.45 13.06 12.20
C GLY A 332 12.87 11.69 12.66
N GLN A 333 12.09 10.66 12.35
CA GLN A 333 12.49 9.30 12.63
C GLN A 333 13.53 8.90 11.60
N VAL A 334 14.65 8.37 12.07
CA VAL A 334 15.61 7.74 11.17
C VAL A 334 15.37 6.24 11.24
N LEU A 335 14.94 5.68 10.11
CA LEU A 335 14.56 4.28 10.01
C LEU A 335 15.57 3.55 9.15
N ALA A 336 15.94 2.35 9.58
CA ALA A 336 16.91 1.52 8.87
C ALA A 336 16.26 0.20 8.49
N VAL A 337 16.56 -0.26 7.28
CA VAL A 337 16.06 -1.49 6.72
C VAL A 337 17.26 -2.30 6.26
N GLU A 338 17.29 -3.58 6.59
CA GLU A 338 18.43 -4.42 6.24
C GLU A 338 17.94 -5.84 6.03
N ILE A 339 18.34 -6.46 4.92
CA ILE A 339 17.99 -7.85 4.72
C ILE A 339 18.65 -8.68 5.81
N SER A 340 18.01 -9.79 6.17
CA SER A 340 18.50 -10.68 7.21
C SER A 340 18.37 -12.08 6.65
N THR A 341 19.52 -12.68 6.34
CA THR A 341 19.55 -14.02 5.76
C THR A 341 19.03 -15.09 6.73
N SER A 342 19.20 -14.88 8.03
CA SER A 342 18.65 -15.81 9.02
C SER A 342 17.12 -15.85 9.01
N GLN A 343 16.45 -14.90 8.36
CA GLN A 343 15.00 -14.89 8.21
C GLN A 343 14.51 -15.41 6.86
N ILE A 344 15.41 -15.70 5.92
CA ILE A 344 14.98 -16.11 4.58
C ILE A 344 14.38 -17.51 4.59
N VAL A 345 14.98 -18.43 5.34
CA VAL A 345 14.43 -19.78 5.42
C VAL A 345 12.99 -19.81 5.93
N PRO A 346 12.65 -19.16 7.06
CA PRO A 346 11.23 -19.13 7.46
C PRO A 346 10.34 -18.50 6.40
N TYR A 347 10.80 -17.42 5.77
CA TYR A 347 10.06 -16.79 4.70
C TYR A 347 9.78 -17.76 3.55
N ILE A 348 10.80 -18.54 3.16
CA ILE A 348 10.61 -19.54 2.11
C ILE A 348 9.60 -20.59 2.54
N LEU A 349 9.70 -21.08 3.77
CA LEU A 349 8.75 -22.09 4.23
C LEU A 349 7.32 -21.58 4.14
N ASN A 350 7.10 -20.33 4.55
CA ASN A 350 5.74 -19.79 4.46
C ASN A 350 5.29 -19.66 3.00
N LYS A 351 6.19 -19.23 2.11
CA LYS A 351 5.79 -19.13 0.69
C LYS A 351 5.48 -20.52 0.12
N LEU A 352 6.21 -21.55 0.55
CA LEU A 352 5.91 -22.90 0.07
C LEU A 352 4.54 -23.37 0.54
N SER A 353 4.20 -23.09 1.80
CA SER A 353 2.85 -23.38 2.26
C SER A 353 1.83 -22.64 1.43
N ASN A 354 2.11 -21.36 1.14
CA ASN A 354 1.21 -20.54 0.34
C ASN A 354 0.96 -21.16 -1.03
N VAL A 355 2.02 -21.63 -1.69
CA VAL A 355 1.83 -22.18 -3.03
C VAL A 355 1.12 -23.52 -2.97
N ALA A 356 1.39 -24.33 -1.95
CA ALA A 356 0.65 -25.59 -1.80
C ALA A 356 -0.85 -25.34 -1.67
N LEU A 357 -1.21 -24.37 -0.82
CA LEU A 357 -2.61 -24.02 -0.66
C LEU A 357 -3.21 -23.49 -1.95
N ALA A 358 -2.47 -22.64 -2.67
CA ALA A 358 -2.97 -22.10 -3.94
C ALA A 358 -3.21 -23.22 -4.95
N LEU A 359 -2.31 -24.19 -5.02
CA LEU A 359 -2.50 -25.35 -5.86
C LEU A 359 -3.79 -26.06 -5.52
N ILE A 360 -4.03 -26.27 -4.22
CA ILE A 360 -5.23 -26.98 -3.80
C ILE A 360 -6.49 -26.23 -4.25
N VAL A 361 -6.53 -24.90 -4.05
CA VAL A 361 -7.74 -24.20 -4.45
C VAL A 361 -7.88 -24.19 -5.97
N ALA A 362 -6.75 -24.23 -6.69
CA ALA A 362 -6.84 -24.31 -8.15
C ALA A 362 -7.45 -25.64 -8.57
N THR A 363 -7.09 -26.74 -7.88
CA THR A 363 -7.76 -28.01 -8.19
C THR A 363 -9.23 -27.95 -7.84
N ARG A 364 -9.61 -27.12 -6.87
CA ARG A 364 -11.03 -26.90 -6.64
C ARG A 364 -11.66 -26.20 -7.83
N GLY A 365 -10.86 -25.43 -8.57
CA GLY A 365 -11.35 -24.83 -9.79
C GLY A 365 -11.27 -25.73 -11.00
N GLY A 366 -10.33 -25.46 -11.90
CA GLY A 366 -10.27 -26.19 -13.15
C GLY A 366 -8.93 -26.88 -13.40
N LEU A 367 -8.08 -26.92 -12.38
CA LEU A 367 -6.80 -27.61 -12.52
C LEU A 367 -7.00 -29.10 -12.23
N PRO A 368 -6.44 -29.99 -13.06
CA PRO A 368 -6.59 -31.43 -12.81
C PRO A 368 -6.11 -31.83 -11.42
N GLY A 369 -7.03 -32.37 -10.64
CA GLY A 369 -6.72 -32.72 -9.28
C GLY A 369 -7.96 -33.20 -8.58
N ALA A 370 -7.94 -33.08 -7.25
CA ALA A 370 -9.05 -33.48 -6.38
C ALA A 370 -9.33 -34.98 -6.44
N ASP A 371 -8.63 -35.70 -7.32
CA ASP A 371 -8.74 -37.16 -7.42
C ASP A 371 -10.17 -37.66 -7.62
N GLY B 1 14.01 -7.61 -15.31
CA GLY B 1 13.50 -8.60 -14.38
C GLY B 1 12.02 -8.45 -14.08
N ALA B 2 11.51 -9.27 -13.16
CA ALA B 2 10.11 -9.23 -12.79
C ALA B 2 9.86 -8.14 -11.74
N MET B 3 8.64 -7.66 -11.71
CA MET B 3 8.21 -6.61 -10.79
C MET B 3 7.24 -7.21 -9.78
N ALA B 4 6.89 -6.44 -8.77
CA ALA B 4 5.91 -6.95 -7.84
C ALA B 4 4.51 -6.74 -8.42
N MET B 5 3.56 -7.53 -7.91
CA MET B 5 2.15 -7.48 -8.30
C MET B 5 1.95 -7.95 -9.73
N SER B 6 2.97 -8.59 -10.33
CA SER B 6 2.91 -8.94 -11.75
C SER B 6 1.79 -9.92 -12.04
N ASP B 7 1.66 -10.96 -11.21
CA ASP B 7 0.73 -12.06 -11.42
C ASP B 7 -0.20 -12.17 -10.21
N LEU B 8 -1.24 -11.37 -10.22
CA LEU B 8 -2.21 -11.47 -9.14
C LEU B 8 -3.13 -12.64 -9.41
N PRO B 9 -3.49 -13.43 -8.40
CA PRO B 9 -4.34 -14.61 -8.66
C PRO B 9 -5.81 -14.25 -8.77
N ILE B 10 -6.10 -13.01 -9.20
CA ILE B 10 -7.47 -12.52 -9.30
C ILE B 10 -7.63 -11.84 -10.64
N GLU B 11 -8.86 -11.89 -11.16
CA GLU B 11 -9.25 -11.13 -12.32
C GLU B 11 -9.99 -9.89 -11.86
N PHE B 12 -9.62 -8.75 -12.43
CA PHE B 12 -10.11 -7.43 -12.02
C PHE B 12 -10.83 -6.81 -13.21
N THR B 13 -12.08 -6.40 -12.99
CA THR B 13 -12.90 -5.83 -14.05
C THR B 13 -13.56 -4.56 -13.57
N GLU B 14 -13.86 -3.66 -14.51
CA GLU B 14 -14.73 -2.52 -14.24
C GLU B 14 -16.03 -2.73 -14.98
N LEU B 15 -17.11 -3.01 -14.25
CA LEU B 15 -18.38 -3.31 -14.90
C LEU B 15 -19.05 -2.04 -15.45
N VAL B 16 -18.97 -0.93 -14.73
CA VAL B 16 -19.63 0.30 -15.16
C VAL B 16 -18.98 1.48 -14.47
N ASP B 17 -18.93 2.61 -15.19
CA ASP B 17 -18.58 3.91 -14.62
C ASP B 17 -19.88 4.70 -14.46
N LEU B 18 -20.39 4.78 -13.23
CA LEU B 18 -21.67 5.43 -12.99
C LEU B 18 -21.64 6.89 -13.42
N MET B 19 -20.52 7.58 -13.22
CA MET B 19 -20.48 9.00 -13.57
C MET B 19 -20.47 9.22 -15.07
N SER B 20 -20.00 8.25 -15.84
CA SER B 20 -20.13 8.30 -17.29
C SER B 20 -21.52 7.94 -17.78
N LEU B 21 -22.46 7.68 -16.86
CA LEU B 21 -23.86 7.44 -17.22
C LEU B 21 -24.75 8.62 -16.87
N GLY B 22 -24.14 9.77 -16.52
CA GLY B 22 -24.87 10.96 -16.16
C GLY B 22 -25.30 11.05 -14.72
N ILE B 23 -24.71 10.24 -13.84
CA ILE B 23 -25.07 10.22 -12.43
C ILE B 23 -24.20 11.20 -11.65
N SER B 24 -24.83 12.09 -10.89
CA SER B 24 -24.12 13.13 -10.19
C SER B 24 -23.31 12.55 -9.03
N PRO B 25 -22.14 13.13 -8.74
CA PRO B 25 -21.31 12.60 -7.65
C PRO B 25 -21.91 12.74 -6.27
N GLN B 26 -22.93 13.59 -6.09
CA GLN B 26 -23.52 13.75 -4.76
C GLN B 26 -24.31 12.52 -4.33
N PHE B 27 -24.81 11.73 -5.28
CA PHE B 27 -25.60 10.55 -4.98
C PHE B 27 -24.75 9.31 -4.83
N LEU B 28 -23.44 9.45 -4.77
CA LEU B 28 -22.54 8.31 -4.56
C LEU B 28 -22.20 8.19 -3.08
N ASP B 29 -23.21 7.76 -2.32
CA ASP B 29 -23.07 7.53 -0.90
C ASP B 29 -23.85 6.29 -0.52
N PHE B 30 -23.60 5.79 0.70
CA PHE B 30 -24.16 4.52 1.12
C PHE B 30 -25.69 4.53 1.12
N ARG B 31 -26.32 5.69 1.28
CA ARG B 31 -27.78 5.77 1.32
C ARG B 31 -28.43 6.14 -0.01
N SER B 32 -27.70 6.71 -0.97
CA SER B 32 -28.32 7.10 -2.24
C SER B 32 -28.12 6.09 -3.34
N THR B 33 -27.04 5.29 -3.27
CA THR B 33 -26.72 4.29 -4.29
C THR B 33 -26.64 2.93 -3.61
N THR B 34 -27.60 2.07 -3.88
CA THR B 34 -27.67 0.75 -3.28
C THR B 34 -27.20 -0.31 -4.26
N PHE B 35 -26.53 -1.33 -3.73
CA PHE B 35 -25.89 -2.38 -4.53
C PHE B 35 -26.17 -3.71 -3.84
N GLU B 36 -27.13 -4.48 -4.36
CA GLU B 36 -27.52 -5.73 -3.74
C GLU B 36 -26.98 -6.96 -4.43
N SER B 37 -26.60 -6.85 -5.70
CA SER B 37 -26.01 -7.96 -6.45
C SER B 37 -25.37 -7.36 -7.70
N ASP B 38 -24.67 -8.21 -8.44
CA ASP B 38 -23.98 -7.76 -9.64
C ASP B 38 -24.92 -7.56 -10.83
N HIS B 39 -26.23 -7.51 -10.58
CA HIS B 39 -27.24 -7.38 -11.62
C HIS B 39 -27.74 -5.95 -11.77
N PHE B 40 -27.99 -5.24 -10.67
CA PHE B 40 -28.54 -3.90 -10.70
C PHE B 40 -27.80 -2.95 -9.76
N VAL B 41 -27.73 -1.69 -10.16
CA VAL B 41 -27.36 -0.59 -9.27
C VAL B 41 -28.52 0.39 -9.24
N THR B 42 -28.94 0.77 -8.04
CA THR B 42 -30.13 1.60 -7.86
C THR B 42 -29.71 2.93 -7.24
N VAL B 43 -29.91 4.03 -7.95
CA VAL B 43 -29.49 5.35 -7.51
C VAL B 43 -30.71 6.25 -7.32
N ARG B 44 -30.88 6.75 -6.10
CA ARG B 44 -31.92 7.75 -5.82
C ARG B 44 -31.37 9.14 -6.09
N GLU B 45 -31.95 9.82 -7.09
CA GLU B 45 -31.62 11.18 -7.48
C GLU B 45 -32.70 12.12 -6.95
N THR B 46 -32.39 12.86 -5.90
CA THR B 46 -33.31 13.82 -5.30
C THR B 46 -33.17 15.21 -5.91
N LYS B 47 -34.28 15.76 -6.40
CA LYS B 47 -34.30 17.11 -6.93
C LYS B 47 -35.36 17.89 -6.14
N ASP B 48 -35.46 19.20 -6.39
CA ASP B 48 -36.45 20.00 -5.67
C ASP B 48 -37.86 19.51 -5.94
N GLY B 49 -38.09 18.96 -7.13
CA GLY B 49 -39.41 18.45 -7.47
C GLY B 49 -39.58 16.98 -7.19
N THR B 50 -39.85 16.21 -8.23
CA THR B 50 -40.11 14.78 -8.15
C THR B 50 -38.81 13.98 -8.22
N ASN B 51 -38.32 13.50 -7.08
CA ASN B 51 -37.11 12.69 -7.10
C ASN B 51 -37.31 11.49 -8.01
N SER B 52 -36.22 10.95 -8.52
CA SER B 52 -36.24 9.86 -9.49
C SER B 52 -35.25 8.77 -9.08
N VAL B 53 -35.34 7.63 -9.76
CA VAL B 53 -34.40 6.53 -9.62
C VAL B 53 -33.79 6.22 -10.98
N ALA B 54 -32.47 6.05 -10.97
CA ALA B 54 -31.75 5.50 -12.09
C ALA B 54 -31.45 4.05 -11.75
N ILE B 55 -31.95 3.13 -12.56
CA ILE B 55 -31.72 1.70 -12.41
C ILE B 55 -30.76 1.28 -13.52
N VAL B 56 -29.55 0.90 -13.14
CA VAL B 56 -28.53 0.47 -14.08
C VAL B 56 -28.52 -1.05 -14.05
N ASP B 57 -28.92 -1.66 -15.16
CA ASP B 57 -28.85 -3.10 -15.34
C ASP B 57 -27.43 -3.43 -15.81
N LEU B 58 -26.64 -4.02 -14.89
CA LEU B 58 -25.27 -4.41 -15.20
C LEU B 58 -25.22 -5.54 -16.23
N ALA B 59 -26.24 -6.41 -16.26
CA ALA B 59 -26.25 -7.49 -17.24
C ALA B 59 -26.51 -6.96 -18.65
N LYS B 60 -27.60 -6.23 -18.82
CA LYS B 60 -28.02 -5.70 -20.11
C LYS B 60 -27.21 -4.43 -20.43
N GLY B 61 -25.91 -4.64 -20.68
CA GLY B 61 -24.97 -3.58 -21.02
C GLY B 61 -25.14 -2.24 -20.30
N ASN B 62 -25.22 -2.27 -18.96
CA ASN B 62 -25.38 -1.08 -18.13
C ASN B 62 -26.55 -0.21 -18.62
N GLU B 63 -27.70 -0.84 -18.80
CA GLU B 63 -28.87 -0.12 -19.31
C GLU B 63 -29.50 0.76 -18.22
N VAL B 64 -29.81 2.01 -18.56
CA VAL B 64 -30.36 2.97 -17.60
C VAL B 64 -31.85 3.05 -17.80
N THR B 65 -32.60 2.77 -16.72
CA THR B 65 -34.04 2.94 -16.65
C THR B 65 -34.33 3.98 -15.57
N ARG B 66 -34.81 5.15 -15.97
CA ARG B 66 -35.06 6.25 -15.05
C ARG B 66 -36.56 6.42 -14.86
N LYS B 67 -37.00 6.44 -13.60
CA LYS B 67 -38.41 6.59 -13.28
C LYS B 67 -38.58 7.56 -12.11
N ASN B 68 -39.66 8.33 -12.16
CA ASN B 68 -39.98 9.28 -11.10
C ASN B 68 -40.54 8.56 -9.88
N MET B 69 -40.12 8.97 -8.69
CA MET B 69 -40.54 8.32 -7.46
C MET B 69 -40.80 9.37 -6.39
N GLY B 70 -41.68 9.04 -5.45
CA GLY B 70 -41.88 9.95 -4.34
C GLY B 70 -41.43 9.38 -3.00
N GLY B 71 -40.26 8.69 -3.01
CA GLY B 71 -39.75 8.09 -1.81
C GLY B 71 -38.31 8.52 -1.57
N ASP B 72 -37.81 8.18 -0.38
CA ASP B 72 -36.45 8.51 0.01
C ASP B 72 -35.51 7.31 0.07
N SER B 73 -35.97 6.11 -0.29
CA SER B 73 -35.01 5.02 -0.43
C SER B 73 -35.59 3.94 -1.31
N ALA B 74 -34.72 3.28 -2.08
CA ALA B 74 -35.12 2.24 -3.02
C ALA B 74 -34.00 1.24 -3.24
N ILE B 75 -34.34 -0.05 -3.28
CA ILE B 75 -33.38 -1.11 -3.58
C ILE B 75 -34.00 -2.04 -4.60
N MET B 76 -33.12 -2.80 -5.25
CA MET B 76 -33.48 -3.75 -6.28
C MET B 76 -33.34 -5.17 -5.75
N HIS B 77 -34.02 -6.10 -6.42
CA HIS B 77 -33.94 -7.50 -6.08
C HIS B 77 -32.58 -8.07 -6.52
N PRO B 78 -32.08 -9.10 -5.83
CA PRO B 78 -30.81 -9.71 -6.23
C PRO B 78 -30.77 -10.15 -7.69
N SER B 79 -31.90 -10.58 -8.25
CA SER B 79 -31.92 -11.05 -9.64
C SER B 79 -33.20 -10.71 -10.41
N GLN B 80 -34.32 -10.47 -9.74
CA GLN B 80 -35.57 -10.16 -10.43
C GLN B 80 -35.75 -8.65 -10.56
N MET B 81 -36.75 -8.27 -11.35
CA MET B 81 -37.08 -6.86 -11.57
C MET B 81 -38.11 -6.36 -10.57
N VAL B 82 -37.82 -6.56 -9.28
CA VAL B 82 -38.70 -6.16 -8.19
C VAL B 82 -38.00 -5.05 -7.41
N ILE B 83 -38.73 -3.97 -7.14
CA ILE B 83 -38.17 -2.79 -6.48
C ILE B 83 -38.85 -2.60 -5.14
N SER B 84 -38.06 -2.32 -4.11
CA SER B 84 -38.56 -1.98 -2.79
C SER B 84 -38.35 -0.49 -2.58
N VAL B 85 -39.40 0.21 -2.17
CA VAL B 85 -39.40 1.66 -1.99
C VAL B 85 -39.91 1.98 -0.60
N ARG B 86 -39.23 2.89 0.09
CA ARG B 86 -39.69 3.37 1.38
C ARG B 86 -39.59 4.88 1.45
N ALA B 87 -40.59 5.47 2.12
CA ALA B 87 -40.75 6.90 2.29
C ALA B 87 -41.12 7.20 3.73
N ASN B 88 -40.51 8.24 4.28
CA ASN B 88 -40.61 8.64 5.69
C ASN B 88 -40.11 7.57 6.64
N GLY B 89 -39.47 6.52 6.12
CA GLY B 89 -39.11 5.38 6.92
C GLY B 89 -40.26 4.48 7.34
N THR B 90 -41.49 4.86 7.04
CA THR B 90 -42.65 4.13 7.51
C THR B 90 -43.50 3.57 6.39
N ILE B 91 -43.67 4.31 5.29
CA ILE B 91 -44.49 3.83 4.18
C ILE B 91 -43.59 3.02 3.25
N VAL B 92 -43.89 1.74 3.11
CA VAL B 92 -43.07 0.88 2.24
C VAL B 92 -43.98 0.19 1.22
N GLN B 93 -43.44 0.04 0.01
CA GLN B 93 -44.18 -0.47 -1.14
C GLN B 93 -43.19 -1.21 -2.04
N ILE B 94 -43.48 -2.48 -2.33
CA ILE B 94 -42.61 -3.32 -3.14
C ILE B 94 -43.39 -3.75 -4.38
N PHE B 95 -42.83 -3.44 -5.55
CA PHE B 95 -43.47 -3.53 -6.85
C PHE B 95 -42.71 -4.52 -7.73
N ASN B 96 -43.45 -5.35 -8.45
CA ASN B 96 -42.90 -6.06 -9.60
C ASN B 96 -43.07 -5.17 -10.82
N LEU B 97 -41.98 -4.92 -11.53
CA LEU B 97 -42.03 -4.02 -12.67
C LEU B 97 -42.45 -4.71 -13.96
N GLU B 98 -42.47 -6.05 -13.98
CA GLU B 98 -42.89 -6.79 -15.17
C GLU B 98 -44.27 -7.41 -15.05
N THR B 99 -44.73 -7.71 -13.83
CA THR B 99 -46.15 -8.04 -13.63
C THR B 99 -46.94 -6.80 -13.26
N LYS B 100 -46.25 -5.66 -13.10
CA LYS B 100 -46.85 -4.36 -12.80
C LYS B 100 -47.71 -4.43 -11.54
N SER B 101 -47.42 -5.39 -10.67
CA SER B 101 -48.24 -5.67 -9.50
C SER B 101 -47.53 -5.19 -8.24
N LYS B 102 -48.32 -4.65 -7.31
CA LYS B 102 -47.81 -4.16 -6.04
C LYS B 102 -47.79 -5.34 -5.07
N LEU B 103 -46.62 -6.00 -4.95
CA LEU B 103 -46.53 -7.21 -4.14
C LEU B 103 -46.73 -6.92 -2.66
N LYS B 104 -46.16 -5.83 -2.15
CA LYS B 104 -46.32 -5.54 -0.74
C LYS B 104 -46.56 -4.05 -0.55
N SER B 105 -47.33 -3.70 0.46
CA SER B 105 -47.58 -2.29 0.80
C SER B 105 -48.04 -2.22 2.24
N PHE B 106 -47.32 -1.47 3.07
CA PHE B 106 -47.74 -1.32 4.45
C PHE B 106 -47.04 -0.12 5.06
N THR B 107 -47.33 0.11 6.34
CA THR B 107 -46.82 1.26 7.07
C THR B 107 -46.41 0.82 8.47
N LEU B 108 -45.13 0.93 8.80
CA LEU B 108 -44.68 0.60 10.14
C LEU B 108 -44.99 1.74 11.11
N ASP B 109 -45.01 1.40 12.40
CA ASP B 109 -45.17 2.42 13.43
C ASP B 109 -43.87 3.14 13.71
N GLU B 110 -42.80 2.43 13.76
CA GLU B 110 -41.50 3.06 13.86
C GLU B 110 -40.80 3.05 12.51
N PRO B 111 -39.97 4.03 12.22
CA PRO B 111 -39.29 4.06 10.92
C PRO B 111 -38.29 2.91 10.80
N VAL B 112 -38.00 2.55 9.54
CA VAL B 112 -37.01 1.54 9.22
C VAL B 112 -35.69 2.24 8.92
N ILE B 113 -34.64 1.85 9.63
CA ILE B 113 -33.31 2.44 9.52
C ILE B 113 -32.52 1.84 8.35
N PHE B 114 -32.73 0.56 8.05
CA PHE B 114 -31.91 -0.14 7.08
C PHE B 114 -32.68 -1.36 6.60
N TRP B 115 -32.50 -1.70 5.32
CA TRP B 115 -33.11 -2.90 4.79
C TRP B 115 -32.19 -3.51 3.74
N ARG B 116 -32.39 -4.80 3.49
CA ARG B 116 -31.54 -5.54 2.57
C ARG B 116 -32.21 -6.87 2.27
N TRP B 117 -31.92 -7.43 1.11
CA TRP B 117 -32.47 -8.73 0.74
C TRP B 117 -31.69 -9.82 1.46
N LEU B 118 -32.34 -10.50 2.40
CA LEU B 118 -31.68 -11.57 3.14
C LEU B 118 -31.43 -12.79 2.26
N SER B 119 -32.29 -13.03 1.29
CA SER B 119 -32.16 -14.15 0.38
C SER B 119 -32.99 -13.83 -0.85
N GLU B 120 -33.09 -14.80 -1.77
CA GLU B 120 -33.87 -14.60 -2.98
C GLU B 120 -35.36 -14.42 -2.70
N THR B 121 -35.83 -14.81 -1.50
CA THR B 121 -37.25 -14.80 -1.19
C THR B 121 -37.66 -13.80 -0.13
N THR B 122 -36.75 -13.39 0.75
CA THR B 122 -37.08 -12.66 1.97
C THR B 122 -36.32 -11.35 2.00
N LEU B 123 -36.98 -10.29 2.47
CA LEU B 123 -36.39 -8.97 2.59
C LEU B 123 -36.34 -8.61 4.07
N GLY B 124 -35.16 -8.23 4.55
CA GLY B 124 -34.96 -7.92 5.95
C GLY B 124 -35.08 -6.44 6.25
N PHE B 125 -35.63 -6.14 7.43
CA PHE B 125 -35.81 -4.78 7.90
C PHE B 125 -35.17 -4.64 9.26
N VAL B 126 -34.55 -3.49 9.51
CA VAL B 126 -34.10 -3.11 10.84
C VAL B 126 -34.69 -1.75 11.13
N THR B 127 -35.32 -1.59 12.29
CA THR B 127 -35.84 -0.30 12.71
C THR B 127 -34.93 0.26 13.81
N ALA B 128 -35.43 1.28 14.51
CA ALA B 128 -34.68 1.84 15.62
C ALA B 128 -34.64 0.90 16.81
N ARG B 129 -35.53 -0.09 16.85
CA ARG B 129 -35.61 -0.98 18.01
C ARG B 129 -35.84 -2.46 17.69
N SER B 130 -36.39 -2.82 16.53
CA SER B 130 -36.71 -4.20 16.23
C SER B 130 -36.10 -4.61 14.89
N ILE B 131 -36.11 -5.92 14.63
CA ILE B 131 -35.59 -6.54 13.42
C ILE B 131 -36.68 -7.42 12.86
N LEU B 132 -37.05 -7.17 11.59
CA LEU B 132 -38.20 -7.76 10.92
C LEU B 132 -37.74 -8.49 9.66
N THR B 133 -38.59 -9.38 9.15
CA THR B 133 -38.35 -10.09 7.91
C THR B 133 -39.67 -10.25 7.19
N SER B 134 -39.65 -10.13 5.86
CA SER B 134 -40.88 -10.15 5.08
C SER B 134 -40.73 -11.09 3.89
N ASN B 135 -41.70 -11.99 3.73
CA ASN B 135 -41.80 -12.82 2.53
C ASN B 135 -42.60 -12.01 1.51
N VAL B 136 -41.88 -11.26 0.67
CA VAL B 136 -42.55 -10.36 -0.25
C VAL B 136 -43.27 -11.10 -1.36
N PHE B 137 -43.08 -12.41 -1.48
CA PHE B 137 -43.77 -13.20 -2.49
C PHE B 137 -44.87 -14.09 -1.92
N ASP B 138 -45.34 -13.82 -0.71
CA ASP B 138 -46.39 -14.68 -0.17
C ASP B 138 -47.78 -14.31 -0.63
N GLY B 139 -47.95 -13.11 -1.21
CA GLY B 139 -49.21 -12.70 -1.81
C GLY B 139 -50.04 -11.76 -0.95
N ASN B 140 -49.78 -11.67 0.35
CA ASN B 140 -50.55 -10.83 1.26
C ASN B 140 -49.98 -9.42 1.20
N VAL B 141 -50.65 -8.54 0.46
CA VAL B 141 -50.09 -7.21 0.17
C VAL B 141 -49.95 -6.39 1.45
N ASN B 142 -50.95 -6.44 2.32
CA ASN B 142 -50.97 -5.60 3.52
C ASN B 142 -50.39 -6.29 4.74
N ALA B 143 -49.65 -7.37 4.56
CA ALA B 143 -49.06 -8.08 5.68
C ALA B 143 -47.71 -7.45 6.00
N LYS B 144 -47.60 -6.88 7.20
CA LYS B 144 -46.32 -6.34 7.63
C LYS B 144 -45.36 -7.48 7.93
N PRO B 145 -44.05 -7.23 7.90
CA PRO B 145 -43.09 -8.32 8.04
C PRO B 145 -43.25 -8.99 9.40
N GLN B 146 -43.05 -10.30 9.43
CA GLN B 146 -43.05 -11.00 10.70
C GLN B 146 -41.86 -10.50 11.51
N LEU B 147 -42.11 -10.08 12.74
CA LEU B 147 -41.04 -9.55 13.55
C LEU B 147 -40.08 -10.68 13.89
N LEU B 148 -38.79 -10.42 13.73
CA LEU B 148 -37.80 -11.45 14.05
C LEU B 148 -37.31 -11.34 15.49
N THR B 149 -36.82 -10.17 15.90
CA THR B 149 -36.39 -10.00 17.30
C THR B 149 -36.21 -8.51 17.57
N LEU B 150 -35.65 -8.18 18.73
CA LEU B 150 -35.31 -6.82 19.10
C LEU B 150 -33.82 -6.59 18.95
N ARG B 151 -33.44 -5.33 18.74
CA ARG B 151 -32.04 -4.99 18.61
C ARG B 151 -31.34 -5.10 19.96
N HIS B 152 -30.20 -5.78 19.97
CA HIS B 152 -29.39 -5.85 21.17
C HIS B 152 -28.88 -4.45 21.54
N ALA B 153 -28.56 -4.28 22.83
CA ALA B 153 -28.14 -2.96 23.30
C ALA B 153 -26.80 -2.54 22.69
N ASN B 154 -25.96 -3.50 22.29
CA ASN B 154 -24.67 -3.13 21.72
C ASN B 154 -24.82 -2.39 20.39
N LEU B 155 -25.96 -2.49 19.72
CA LEU B 155 -26.20 -1.72 18.50
C LEU B 155 -26.77 -0.32 18.74
N ASN B 156 -27.01 0.08 19.99
CA ASN B 156 -27.50 1.43 20.25
C ASN B 156 -26.45 2.46 19.83
N ASN B 157 -26.92 3.59 19.29
CA ASN B 157 -26.06 4.69 18.82
C ASN B 157 -25.07 4.25 17.75
N THR B 158 -25.45 3.24 16.97
CA THR B 158 -24.66 2.81 15.84
C THR B 158 -25.47 3.01 14.57
N GLN B 159 -24.78 2.99 13.44
CA GLN B 159 -25.43 3.04 12.14
C GLN B 159 -25.48 1.62 11.60
N ILE B 160 -26.69 1.11 11.43
CA ILE B 160 -26.85 -0.25 10.90
C ILE B 160 -26.36 -0.25 9.45
N ILE B 161 -25.41 -1.12 9.14
CA ILE B 161 -24.86 -1.18 7.79
C ILE B 161 -25.02 -2.54 7.13
N ASN B 162 -25.43 -3.58 7.87
CA ASN B 162 -25.61 -4.86 7.20
C ASN B 162 -26.62 -5.73 7.93
N PHE B 163 -27.20 -6.66 7.17
CA PHE B 163 -28.19 -7.62 7.69
C PHE B 163 -28.07 -8.87 6.82
N VAL B 164 -27.55 -9.96 7.40
CA VAL B 164 -27.28 -11.19 6.64
C VAL B 164 -27.90 -12.37 7.36
N ALA B 165 -28.20 -13.42 6.60
CA ALA B 165 -28.80 -14.64 7.13
C ALA B 165 -28.13 -15.85 6.48
N ASN B 166 -28.42 -17.02 7.03
CA ASN B 166 -27.95 -18.27 6.45
C ASN B 166 -29.02 -18.81 5.50
N LYS B 167 -28.71 -19.91 4.83
CA LYS B 167 -29.62 -20.41 3.80
C LYS B 167 -30.93 -20.94 4.38
N ASN B 168 -30.90 -21.53 5.57
CA ASN B 168 -32.13 -21.99 6.20
C ASN B 168 -32.97 -20.85 6.75
N LEU B 169 -32.44 -19.62 6.74
CA LEU B 169 -33.14 -18.44 7.26
C LEU B 169 -33.54 -18.63 8.71
N ASP B 170 -32.61 -19.16 9.51
CA ASP B 170 -32.83 -19.26 10.95
C ASP B 170 -31.64 -18.80 11.78
N TRP B 171 -30.55 -18.38 11.15
CA TRP B 171 -29.45 -17.67 11.80
C TRP B 171 -29.28 -16.31 11.13
N PHE B 172 -29.09 -15.27 11.94
CA PHE B 172 -29.04 -13.92 11.40
C PHE B 172 -27.93 -13.14 12.09
N ALA B 173 -27.42 -12.14 11.37
CA ALA B 173 -26.39 -11.25 11.88
C ALA B 173 -26.68 -9.83 11.39
N VAL B 174 -26.74 -8.88 12.34
CA VAL B 174 -26.96 -7.48 12.03
C VAL B 174 -25.71 -6.70 12.42
N VAL B 175 -25.21 -5.89 11.50
CA VAL B 175 -23.95 -5.17 11.65
C VAL B 175 -24.21 -3.68 11.73
N GLY B 176 -23.74 -3.05 12.81
CA GLY B 176 -23.74 -1.61 12.92
C GLY B 176 -22.36 -1.09 13.24
N ILE B 177 -22.12 0.17 12.89
CA ILE B 177 -20.82 0.79 13.14
C ILE B 177 -21.01 2.10 13.90
N LEU B 178 -19.97 2.48 14.64
CA LEU B 178 -19.96 3.74 15.37
C LEU B 178 -18.52 4.22 15.48
N GLN B 179 -18.36 5.45 15.95
CA GLN B 179 -17.04 6.05 16.09
C GLN B 179 -16.49 5.86 17.49
N GLU B 180 -15.26 5.40 17.58
CA GLU B 180 -14.67 5.11 18.88
C GLU B 180 -13.17 5.31 18.78
N ASN B 181 -12.59 6.11 19.67
CA ASN B 181 -11.14 6.33 19.70
C ASN B 181 -10.63 6.88 18.37
N GLY B 182 -11.41 7.77 17.75
CA GLY B 182 -11.01 8.30 16.45
C GLY B 182 -11.10 7.32 15.31
N ARG B 183 -11.31 6.03 15.57
CA ARG B 183 -11.46 5.03 14.52
C ARG B 183 -12.93 4.64 14.41
N ILE B 184 -13.21 3.65 13.58
CA ILE B 184 -14.56 3.12 13.38
C ILE B 184 -14.63 1.73 13.99
N ALA B 185 -15.51 1.56 14.96
CA ALA B 185 -15.74 0.28 15.60
C ALA B 185 -17.00 -0.37 15.04
N GLY B 186 -17.00 -1.70 15.02
CA GLY B 186 -18.12 -2.47 14.55
C GLY B 186 -18.74 -3.28 15.67
N ARG B 187 -20.06 -3.42 15.62
CA ARG B 187 -20.82 -4.25 16.54
C ARG B 187 -21.68 -5.18 15.71
N ILE B 188 -21.82 -6.43 16.14
CA ILE B 188 -22.65 -7.42 15.48
C ILE B 188 -23.58 -8.05 16.50
N GLN B 189 -24.86 -8.13 16.14
CA GLN B 189 -25.83 -8.94 16.86
C GLN B 189 -26.07 -10.23 16.09
N LEU B 190 -25.73 -11.37 16.70
CA LEU B 190 -26.08 -12.68 16.18
C LEU B 190 -27.38 -13.14 16.81
N PHE B 191 -28.23 -13.79 16.01
CA PHE B 191 -29.51 -14.28 16.50
C PHE B 191 -29.77 -15.65 15.92
N SER B 192 -29.99 -16.63 16.80
CA SER B 192 -30.48 -17.95 16.43
C SER B 192 -31.99 -17.96 16.66
N LYS B 193 -32.73 -18.24 15.58
CA LYS B 193 -34.19 -18.19 15.61
C LYS B 193 -34.77 -19.40 16.32
N GLN B 194 -34.16 -20.57 16.18
CA GLN B 194 -34.71 -21.77 16.80
C GLN B 194 -34.65 -21.66 18.33
N ARG B 195 -33.60 -21.01 18.85
CA ARG B 195 -33.44 -20.77 20.28
C ARG B 195 -34.03 -19.42 20.72
N ASN B 196 -34.36 -18.55 19.76
CA ASN B 196 -34.75 -17.18 20.05
C ASN B 196 -33.73 -16.52 20.97
N ILE B 197 -32.46 -16.57 20.53
CA ILE B 197 -31.33 -16.15 21.37
C ILE B 197 -30.44 -15.21 20.58
N SER B 198 -29.96 -14.15 21.23
CA SER B 198 -29.00 -13.24 20.64
C SER B 198 -27.67 -13.28 21.37
N GLN B 199 -26.64 -12.79 20.69
CA GLN B 199 -25.30 -12.66 21.25
C GLN B 199 -24.64 -11.43 20.63
N ALA B 200 -23.90 -10.69 21.45
CA ALA B 200 -23.24 -9.46 21.02
C ALA B 200 -21.76 -9.73 20.83
N ILE B 201 -21.23 -9.40 19.65
CA ILE B 201 -19.81 -9.55 19.38
C ILE B 201 -19.31 -8.29 18.69
N ASP B 202 -17.99 -8.12 18.69
CA ASP B 202 -17.37 -7.03 17.96
C ASP B 202 -17.09 -7.47 16.53
N GLY B 203 -17.40 -6.61 15.58
CA GLY B 203 -17.13 -6.95 14.20
C GLY B 203 -17.67 -5.96 13.20
N HIS B 204 -16.95 -5.80 12.09
CA HIS B 204 -17.37 -4.92 11.00
C HIS B 204 -18.10 -5.65 9.89
N VAL B 205 -17.82 -6.94 9.66
CA VAL B 205 -18.41 -7.67 8.54
C VAL B 205 -18.80 -9.07 8.99
N ALA B 206 -19.83 -9.62 8.32
CA ALA B 206 -20.37 -10.93 8.66
C ALA B 206 -20.94 -11.62 7.42
N ILE B 207 -20.82 -12.95 7.37
CA ILE B 207 -21.42 -13.74 6.29
C ILE B 207 -21.61 -15.17 6.79
N PHE B 208 -22.64 -15.84 6.28
CA PHE B 208 -22.86 -17.26 6.52
C PHE B 208 -22.57 -18.05 5.24
N THR B 209 -21.94 -19.21 5.38
CA THR B 209 -21.64 -20.01 4.19
C THR B 209 -21.52 -21.47 4.59
N ASN B 210 -21.24 -22.31 3.60
CA ASN B 210 -21.15 -23.76 3.78
C ASN B 210 -19.77 -24.25 3.38
N ILE B 211 -19.41 -25.43 3.89
CA ILE B 211 -18.12 -26.04 3.53
C ILE B 211 -18.22 -27.55 3.68
N LEU B 212 -17.79 -28.27 2.64
CA LEU B 212 -17.76 -29.72 2.66
C LEU B 212 -16.48 -30.20 3.34
N LEU B 213 -16.61 -30.96 4.42
CA LEU B 213 -15.46 -31.47 5.13
C LEU B 213 -15.22 -32.93 4.79
N GLU B 214 -13.96 -33.32 4.82
CA GLU B 214 -13.57 -34.68 4.51
C GLU B 214 -14.21 -35.66 5.50
N GLY B 215 -14.87 -36.69 4.98
CA GLY B 215 -15.54 -37.67 5.79
C GLY B 215 -17.05 -37.47 5.90
N ASN B 216 -17.52 -36.24 5.68
CA ASN B 216 -18.93 -35.95 5.81
C ASN B 216 -19.73 -36.24 4.56
N GLY B 217 -19.14 -36.96 3.60
CA GLY B 217 -19.83 -37.34 2.40
C GLY B 217 -20.07 -36.17 1.47
N SER B 218 -21.32 -35.91 1.12
CA SER B 218 -21.67 -34.78 0.27
C SER B 218 -22.49 -33.73 1.02
N THR B 219 -22.55 -33.80 2.35
CA THR B 219 -23.35 -32.88 3.13
C THR B 219 -22.46 -31.84 3.80
N PRO B 220 -22.61 -30.55 3.50
CA PRO B 220 -21.72 -29.54 4.06
C PRO B 220 -22.07 -29.22 5.50
N VAL B 221 -21.19 -28.45 6.13
CA VAL B 221 -21.42 -27.91 7.47
C VAL B 221 -21.49 -26.39 7.35
N GLN B 222 -22.31 -25.80 8.22
CA GLN B 222 -22.58 -24.36 8.19
C GLN B 222 -21.55 -23.62 9.02
N VAL B 223 -20.97 -22.56 8.44
CA VAL B 223 -19.92 -21.80 9.09
C VAL B 223 -20.25 -20.31 8.99
N PHE B 224 -19.83 -19.57 10.02
CA PHE B 224 -20.04 -18.12 10.13
C PHE B 224 -18.68 -17.44 10.09
N VAL B 225 -18.54 -16.48 9.19
CA VAL B 225 -17.30 -15.74 8.96
C VAL B 225 -17.51 -14.30 9.38
N THR B 226 -16.60 -13.77 10.19
CA THR B 226 -16.72 -12.39 10.64
C THR B 226 -15.36 -11.73 10.66
N GLY B 227 -15.34 -10.46 10.28
CA GLY B 227 -14.13 -9.64 10.32
C GLY B 227 -14.32 -8.43 11.20
N ASN B 228 -13.27 -8.10 11.96
CA ASN B 228 -13.31 -7.03 12.94
C ASN B 228 -11.96 -6.33 12.99
N ARG B 229 -11.99 -5.04 13.29
CA ARG B 229 -10.78 -4.31 13.63
C ARG B 229 -11.00 -3.59 14.96
N ASN B 230 -10.11 -3.85 15.91
CA ASN B 230 -10.24 -3.30 17.25
C ASN B 230 -10.02 -1.79 17.21
N ALA B 231 -11.04 -1.02 17.59
CA ALA B 231 -10.93 0.44 17.54
C ALA B 231 -9.85 0.97 18.48
N THR B 232 -9.51 0.23 19.53
CA THR B 232 -8.54 0.72 20.51
C THR B 232 -7.10 0.35 20.12
N THR B 233 -6.88 -0.91 19.75
CA THR B 233 -5.54 -1.39 19.45
C THR B 233 -5.18 -1.37 17.98
N GLY B 234 -6.18 -1.36 17.08
CA GLY B 234 -5.93 -1.46 15.65
C GLY B 234 -5.74 -2.88 15.14
N ALA B 235 -5.62 -3.86 16.03
CA ALA B 235 -5.50 -5.25 15.61
C ALA B 235 -6.76 -5.72 14.89
N GLY B 236 -6.57 -6.45 13.81
CA GLY B 236 -7.68 -6.93 13.00
C GLY B 236 -7.73 -8.45 12.97
N GLU B 237 -8.95 -8.99 12.96
CA GLU B 237 -9.15 -10.42 13.09
C GLU B 237 -10.25 -10.89 12.14
N LEU B 238 -9.99 -12.03 11.51
CA LEU B 238 -10.94 -12.77 10.71
C LEU B 238 -11.20 -14.06 11.47
N ARG B 239 -12.46 -14.39 11.71
CA ARG B 239 -12.79 -15.57 12.50
C ARG B 239 -13.83 -16.40 11.74
N ILE B 240 -13.60 -17.71 11.71
CA ILE B 240 -14.49 -18.66 11.04
C ILE B 240 -14.86 -19.73 12.05
N ILE B 241 -16.17 -19.90 12.30
CA ILE B 241 -16.63 -20.84 13.33
C ILE B 241 -17.90 -21.55 12.87
N GLU B 242 -18.04 -22.82 13.23
CA GLU B 242 -19.19 -23.62 12.81
C GLU B 242 -20.41 -23.30 13.68
N ILE B 243 -21.63 -23.54 13.14
CA ILE B 243 -22.80 -23.12 13.92
C ILE B 243 -23.74 -24.26 14.36
N ASP B 244 -24.29 -25.03 13.42
CA ASP B 244 -25.22 -26.12 13.77
C ASP B 244 -24.69 -27.46 13.27
N HIS B 245 -23.65 -27.96 13.93
CA HIS B 245 -23.09 -29.23 13.51
C HIS B 245 -24.12 -30.34 13.70
N ASP B 246 -24.29 -31.15 12.66
CA ASP B 246 -25.14 -32.33 12.72
C ASP B 246 -24.31 -33.46 13.32
N ALA B 247 -24.76 -33.99 14.47
CA ALA B 247 -23.98 -35.01 15.16
C ALA B 247 -23.81 -36.28 14.33
N SER B 248 -24.76 -36.57 13.45
CA SER B 248 -24.61 -37.70 12.54
C SER B 248 -23.42 -37.52 11.61
N LEU B 249 -22.92 -36.28 11.46
CA LEU B 249 -21.73 -36.02 10.66
C LEU B 249 -20.49 -36.18 11.53
N PRO B 250 -19.48 -36.93 11.08
CA PRO B 250 -18.28 -37.16 11.92
C PRO B 250 -17.31 -35.99 12.04
N SER B 251 -17.10 -35.21 10.98
CA SER B 251 -16.05 -34.19 10.97
C SER B 251 -16.64 -32.81 11.25
N GLN B 252 -16.02 -32.08 12.17
CA GLN B 252 -16.46 -30.74 12.54
C GLN B 252 -15.41 -29.70 12.18
N TYR B 253 -15.89 -28.50 11.88
CA TYR B 253 -15.01 -27.40 11.54
C TYR B 253 -14.37 -26.86 12.82
N GLN B 254 -13.05 -26.77 12.83
CA GLN B 254 -12.33 -26.21 13.97
C GLN B 254 -12.19 -24.70 13.81
N LYS B 255 -12.59 -23.96 14.85
CA LYS B 255 -12.55 -22.50 14.79
C LYS B 255 -11.20 -22.01 14.32
N GLU B 256 -11.21 -21.04 13.41
CA GLU B 256 -9.97 -20.47 12.90
C GLU B 256 -9.99 -18.96 13.10
N THR B 257 -8.86 -18.42 13.54
CA THR B 257 -8.66 -16.99 13.67
C THR B 257 -7.38 -16.60 12.93
N THR B 258 -7.47 -15.52 12.16
CA THR B 258 -6.37 -15.06 11.33
C THR B 258 -6.26 -13.55 11.46
N ASP B 259 -5.03 -13.04 11.42
CA ASP B 259 -4.80 -11.59 11.49
C ASP B 259 -5.16 -10.93 10.17
N ILE B 260 -5.80 -9.77 10.26
CA ILE B 260 -6.05 -8.90 9.12
C ILE B 260 -4.99 -7.82 9.12
N PHE B 261 -4.32 -7.64 7.98
CA PHE B 261 -3.20 -6.73 7.85
C PHE B 261 -3.67 -5.34 7.46
N PHE B 262 -3.08 -4.33 8.09
CA PHE B 262 -3.34 -2.93 7.74
C PHE B 262 -2.00 -2.21 7.68
N PRO B 263 -1.67 -1.58 6.56
CA PRO B 263 -0.38 -0.87 6.42
C PRO B 263 -0.30 0.32 7.35
N PRO B 264 0.90 0.87 7.58
CA PRO B 264 1.03 2.02 8.50
C PRO B 264 0.25 3.25 8.08
N ASP B 265 0.02 3.44 6.78
CA ASP B 265 -0.73 4.60 6.30
C ASP B 265 -2.25 4.43 6.45
N ALA B 266 -2.74 3.22 6.73
CA ALA B 266 -4.17 3.00 6.85
C ALA B 266 -4.64 2.79 8.30
N THR B 267 -4.41 3.78 9.17
CA THR B 267 -4.80 3.61 10.57
C THR B 267 -6.30 3.73 10.77
N ASN B 268 -7.00 4.46 9.91
CA ASN B 268 -8.44 4.59 9.98
C ASN B 268 -9.18 3.66 9.03
N ASP B 269 -8.49 2.69 8.42
CA ASP B 269 -9.17 1.75 7.56
C ASP B 269 -9.82 0.64 8.39
N PHE B 270 -10.87 0.05 7.82
CA PHE B 270 -11.58 -1.05 8.47
C PHE B 270 -12.27 -1.87 7.40
N PRO B 271 -12.61 -3.14 7.70
CA PRO B 271 -13.32 -3.95 6.72
C PRO B 271 -14.74 -3.44 6.50
N ILE B 272 -15.15 -3.39 5.24
CA ILE B 272 -16.45 -2.86 4.87
C ILE B 272 -17.37 -3.92 4.26
N ALA B 273 -16.84 -5.00 3.69
CA ALA B 273 -17.61 -6.03 3.03
C ALA B 273 -16.88 -7.36 3.13
N VAL B 274 -17.64 -8.46 3.00
CA VAL B 274 -17.07 -9.79 2.94
C VAL B 274 -17.98 -10.67 2.08
N GLN B 275 -17.36 -11.44 1.17
CA GLN B 275 -18.08 -12.37 0.32
C GLN B 275 -17.31 -13.68 0.28
N VAL B 276 -18.00 -14.77 -0.06
CA VAL B 276 -17.38 -16.09 -0.06
C VAL B 276 -17.72 -16.81 -1.37
N SER B 277 -16.70 -17.33 -2.03
CA SER B 277 -16.88 -18.22 -3.18
C SER B 277 -16.94 -19.64 -2.65
N GLU B 278 -18.13 -20.22 -2.66
CA GLU B 278 -18.26 -21.61 -2.23
C GLU B 278 -17.50 -22.55 -3.15
N LYS B 279 -17.44 -22.22 -4.45
CA LYS B 279 -16.75 -23.09 -5.40
C LYS B 279 -15.27 -23.22 -5.09
N TYR B 280 -14.59 -22.09 -4.85
CA TYR B 280 -13.15 -22.10 -4.57
C TYR B 280 -12.80 -22.15 -3.09
N GLY B 281 -13.78 -22.01 -2.21
CA GLY B 281 -13.51 -21.98 -0.78
C GLY B 281 -12.67 -20.77 -0.46
N ILE B 282 -13.08 -19.63 -0.99
CA ILE B 282 -12.31 -18.39 -0.92
C ILE B 282 -13.16 -17.33 -0.24
N ILE B 283 -12.57 -16.67 0.75
CA ILE B 283 -13.17 -15.53 1.44
C ILE B 283 -12.55 -14.26 0.87
N TYR B 284 -13.41 -13.35 0.38
CA TYR B 284 -13.03 -12.01 -0.04
C TYR B 284 -13.39 -11.03 1.07
N LEU B 285 -12.39 -10.36 1.63
CA LEU B 285 -12.60 -9.33 2.65
C LEU B 285 -12.12 -8.00 2.09
N LEU B 286 -13.04 -7.07 1.89
CA LEU B 286 -12.75 -5.76 1.31
C LEU B 286 -12.75 -4.71 2.41
N THR B 287 -11.78 -3.79 2.37
CA THR B 287 -11.71 -2.70 3.34
C THR B 287 -12.14 -1.38 2.71
N LYS B 288 -12.38 -0.39 3.58
CA LYS B 288 -12.89 0.90 3.12
C LYS B 288 -11.88 1.63 2.24
N TYR B 289 -10.59 1.56 2.59
CA TYR B 289 -9.59 2.22 1.78
C TYR B 289 -9.41 1.56 0.41
N GLY B 290 -9.93 0.34 0.23
CA GLY B 290 -9.87 -0.33 -1.05
C GLY B 290 -9.02 -1.57 -1.12
N PHE B 291 -8.48 -2.04 0.01
CA PHE B 291 -7.70 -3.27 0.02
C PHE B 291 -8.60 -4.48 -0.07
N ILE B 292 -8.20 -5.44 -0.89
CA ILE B 292 -8.83 -6.75 -0.96
C ILE B 292 -7.90 -7.75 -0.28
N HIS B 293 -8.49 -8.59 0.58
CA HIS B 293 -7.79 -9.69 1.23
C HIS B 293 -8.46 -10.98 0.79
N LEU B 294 -7.65 -11.96 0.39
CA LEU B 294 -8.12 -13.28 -0.02
C LEU B 294 -7.65 -14.27 1.03
N TYR B 295 -8.61 -14.91 1.70
CA TYR B 295 -8.39 -15.95 2.69
C TYR B 295 -8.92 -17.30 2.20
N GLU B 296 -8.28 -18.38 2.63
CA GLU B 296 -8.73 -19.72 2.29
C GLU B 296 -9.69 -20.22 3.37
N LEU B 297 -10.83 -20.77 2.94
CA LEU B 297 -11.94 -20.97 3.89
C LEU B 297 -11.64 -22.07 4.90
N GLU B 298 -11.11 -23.21 4.45
CA GLU B 298 -10.97 -24.36 5.34
C GLU B 298 -9.90 -24.14 6.41
N THR B 299 -8.83 -23.42 6.09
CA THR B 299 -7.77 -23.16 7.04
C THR B 299 -7.72 -21.73 7.55
N GLY B 300 -8.47 -20.82 6.93
CA GLY B 300 -8.43 -19.42 7.35
C GLY B 300 -7.13 -18.71 7.02
N THR B 301 -6.23 -19.35 6.27
CA THR B 301 -4.91 -18.80 5.98
C THR B 301 -5.00 -17.69 4.95
N ASN B 302 -4.36 -16.56 5.22
CA ASN B 302 -4.36 -15.46 4.27
C ASN B 302 -3.50 -15.80 3.06
N LEU B 303 -4.16 -15.92 1.90
CA LEU B 303 -3.44 -16.19 0.67
C LEU B 303 -2.89 -14.93 0.04
N PHE B 304 -3.62 -13.81 0.10
CA PHE B 304 -3.08 -12.67 -0.66
C PHE B 304 -3.76 -11.35 -0.25
N VAL B 305 -3.06 -10.24 -0.51
CA VAL B 305 -3.51 -8.89 -0.15
C VAL B 305 -3.12 -7.90 -1.25
N ASN B 306 -4.04 -6.99 -1.61
CA ASN B 306 -3.73 -6.06 -2.70
C ASN B 306 -4.61 -4.82 -2.56
N ARG B 307 -4.14 -3.71 -3.14
CA ARG B 307 -4.91 -2.47 -3.17
C ARG B 307 -5.50 -2.32 -4.57
N ILE B 308 -6.82 -2.45 -4.67
CA ILE B 308 -7.48 -2.43 -5.98
C ILE B 308 -8.01 -1.06 -6.39
N THR B 309 -7.97 -0.07 -5.49
CA THR B 309 -8.49 1.25 -5.83
C THR B 309 -7.91 2.27 -4.87
N ALA B 310 -7.79 3.50 -5.35
CA ALA B 310 -7.30 4.56 -4.49
C ALA B 310 -8.42 5.30 -3.77
N GLU B 311 -9.58 5.44 -4.41
CA GLU B 311 -10.74 6.07 -3.78
C GLU B 311 -11.46 5.08 -2.87
N SER B 312 -12.01 5.60 -1.77
CA SER B 312 -12.72 4.76 -0.83
C SER B 312 -13.91 4.08 -1.50
N VAL B 313 -14.25 2.90 -1.01
CA VAL B 313 -15.47 2.21 -1.44
C VAL B 313 -16.52 2.38 -0.35
N PHE B 314 -17.78 2.42 -0.76
CA PHE B 314 -18.87 2.61 0.18
C PHE B 314 -19.92 1.53 0.15
N THR B 315 -19.88 0.62 -0.82
CA THR B 315 -20.83 -0.50 -0.83
C THR B 315 -20.28 -1.60 -1.72
N ALA B 316 -20.74 -2.82 -1.45
CA ALA B 316 -20.28 -4.00 -2.16
C ALA B 316 -21.44 -4.98 -2.32
N ALA B 317 -21.17 -6.08 -3.01
CA ALA B 317 -22.13 -7.09 -3.37
C ALA B 317 -21.41 -8.32 -3.91
N PRO B 318 -22.07 -9.47 -4.02
CA PRO B 318 -21.44 -10.60 -4.70
C PRO B 318 -21.36 -10.37 -6.20
N TYR B 319 -20.42 -11.06 -6.83
CA TYR B 319 -20.15 -10.93 -8.26
C TYR B 319 -20.11 -12.30 -8.89
N ASN B 320 -20.37 -12.33 -10.20
CA ASN B 320 -20.58 -13.55 -10.98
C ASN B 320 -21.74 -14.31 -10.36
N HIS B 321 -21.58 -15.58 -10.01
CA HIS B 321 -22.64 -16.31 -9.31
C HIS B 321 -22.17 -16.57 -7.88
N GLU B 322 -22.06 -15.47 -7.12
CA GLU B 322 -21.53 -15.50 -5.77
C GLU B 322 -20.15 -16.14 -5.73
N ASN B 323 -19.38 -15.94 -6.79
CA ASN B 323 -18.03 -16.45 -6.88
C ASN B 323 -16.99 -15.36 -6.69
N GLY B 324 -17.39 -14.09 -6.76
CA GLY B 324 -16.46 -12.99 -6.56
C GLY B 324 -17.11 -11.85 -5.82
N ILE B 325 -16.47 -10.69 -5.77
CA ILE B 325 -17.01 -9.55 -5.03
C ILE B 325 -16.91 -8.31 -5.91
N ALA B 326 -18.01 -7.55 -6.00
CA ALA B 326 -18.03 -6.26 -6.67
C ALA B 326 -18.28 -5.15 -5.66
N CYS B 327 -17.84 -3.94 -5.99
CA CYS B 327 -17.97 -2.80 -5.08
C CYS B 327 -18.09 -1.53 -5.91
N ILE B 328 -18.55 -0.47 -5.25
CA ILE B 328 -18.65 0.85 -5.85
C ILE B 328 -17.75 1.79 -5.07
N ASN B 329 -16.82 2.44 -5.77
CA ASN B 329 -15.93 3.37 -5.09
C ASN B 329 -16.48 4.80 -5.11
N LYS B 330 -15.83 5.67 -4.35
CA LYS B 330 -16.36 7.03 -4.23
C LYS B 330 -16.34 7.78 -5.55
N LYS B 331 -15.47 7.38 -6.49
CA LYS B 331 -15.50 8.00 -7.81
C LYS B 331 -16.74 7.54 -8.58
N GLY B 332 -17.24 6.33 -8.26
CA GLY B 332 -18.40 5.76 -8.92
C GLY B 332 -18.12 4.60 -9.82
N GLN B 333 -16.88 4.12 -9.85
CA GLN B 333 -16.53 2.93 -10.60
C GLN B 333 -17.03 1.73 -9.83
N VAL B 334 -17.72 0.84 -10.53
CA VAL B 334 -18.12 -0.46 -10.01
C VAL B 334 -17.07 -1.45 -10.47
N LEU B 335 -16.30 -1.96 -9.51
CA LEU B 335 -15.18 -2.87 -9.77
C LEU B 335 -15.51 -4.26 -9.26
N ALA B 336 -15.12 -5.28 -10.02
CA ALA B 336 -15.34 -6.67 -9.65
C ALA B 336 -14.00 -7.40 -9.55
N VAL B 337 -13.89 -8.26 -8.56
CA VAL B 337 -12.69 -9.05 -8.27
C VAL B 337 -13.12 -10.50 -8.20
N GLU B 338 -12.33 -11.39 -8.81
CA GLU B 338 -12.72 -12.79 -8.85
C GLU B 338 -11.50 -13.71 -8.88
N ILE B 339 -11.43 -14.69 -7.98
CA ILE B 339 -10.32 -15.65 -8.06
C ILE B 339 -10.46 -16.47 -9.35
N SER B 340 -9.31 -16.86 -9.90
CA SER B 340 -9.23 -17.55 -11.20
C SER B 340 -8.10 -18.56 -11.21
N THR B 341 -8.39 -19.84 -11.46
CA THR B 341 -7.31 -20.83 -11.52
C THR B 341 -6.30 -20.48 -12.61
N SER B 342 -6.78 -19.91 -13.72
CA SER B 342 -5.90 -19.45 -14.79
C SER B 342 -5.02 -18.31 -14.32
N GLN B 343 -5.34 -17.69 -13.20
CA GLN B 343 -4.48 -16.68 -12.63
C GLN B 343 -3.68 -17.24 -11.47
N ILE B 344 -4.07 -18.41 -10.97
CA ILE B 344 -3.36 -19.07 -9.87
C ILE B 344 -2.08 -19.71 -10.38
N VAL B 345 -2.15 -20.34 -11.56
CA VAL B 345 -0.95 -20.98 -12.11
C VAL B 345 0.21 -20.01 -12.31
N PRO B 346 0.07 -18.88 -13.02
CA PRO B 346 1.19 -17.93 -13.12
C PRO B 346 1.65 -17.40 -11.78
N TYR B 347 0.69 -17.13 -10.89
CA TYR B 347 1.04 -16.67 -9.54
C TYR B 347 1.95 -17.66 -8.84
N ILE B 348 1.64 -18.96 -8.94
CA ILE B 348 2.48 -20.00 -8.35
C ILE B 348 3.85 -20.03 -9.01
N LEU B 349 3.90 -19.96 -10.34
CA LEU B 349 5.20 -19.98 -11.02
C LEU B 349 6.08 -18.83 -10.56
N ASN B 350 5.49 -17.64 -10.44
CA ASN B 350 6.24 -16.48 -9.99
C ASN B 350 6.72 -16.62 -8.56
N LYS B 351 5.87 -17.17 -7.68
CA LYS B 351 6.31 -17.43 -6.31
C LYS B 351 7.48 -18.40 -6.27
N LEU B 352 7.46 -19.43 -7.13
CA LEU B 352 8.57 -20.38 -7.15
C LEU B 352 9.87 -19.70 -7.61
N SER B 353 9.79 -18.85 -8.62
CA SER B 353 10.95 -18.06 -9.01
C SER B 353 11.44 -17.19 -7.85
N ASN B 354 10.51 -16.51 -7.17
CA ASN B 354 10.87 -15.67 -6.03
C ASN B 354 11.59 -16.47 -4.96
N VAL B 355 11.12 -17.68 -4.70
CA VAL B 355 11.70 -18.50 -3.65
C VAL B 355 13.09 -18.96 -4.05
N ALA B 356 13.28 -19.33 -5.31
CA ALA B 356 14.61 -19.69 -5.80
C ALA B 356 15.58 -18.53 -5.64
N LEU B 357 15.14 -17.32 -6.00
CA LEU B 357 16.00 -16.14 -5.84
C LEU B 357 16.33 -15.87 -4.37
N ALA B 358 15.34 -15.97 -3.48
CA ALA B 358 15.60 -15.73 -2.06
C ALA B 358 16.60 -16.74 -1.52
N LEU B 359 16.45 -18.01 -1.92
CA LEU B 359 17.41 -19.04 -1.53
C LEU B 359 18.82 -18.68 -2.00
N ILE B 360 18.95 -18.25 -3.25
CA ILE B 360 20.28 -17.89 -3.74
C ILE B 360 20.87 -16.76 -2.90
N VAL B 361 20.08 -15.71 -2.63
CA VAL B 361 20.67 -14.60 -1.87
C VAL B 361 21.00 -15.05 -0.44
N ALA B 362 20.26 -16.03 0.08
CA ALA B 362 20.60 -16.56 1.40
C ALA B 362 21.95 -17.26 1.40
N THR B 363 22.28 -17.98 0.32
CA THR B 363 23.61 -18.60 0.28
C THR B 363 24.75 -17.56 0.26
N ARG B 364 24.46 -16.33 -0.15
CA ARG B 364 25.46 -15.26 -0.05
C ARG B 364 25.78 -14.88 1.40
N GLN C 2 28.61 7.18 -30.27
CA GLN C 2 27.34 7.79 -29.88
C GLN C 2 27.25 8.04 -28.36
N ASP C 3 26.66 7.12 -27.62
CA ASP C 3 26.47 7.31 -26.19
C ASP C 3 27.48 6.49 -25.40
N LEU C 4 27.70 6.90 -24.15
CA LEU C 4 28.55 6.09 -23.27
C LEU C 4 27.92 4.74 -22.99
N LEU C 5 26.66 4.75 -22.61
CA LEU C 5 25.90 3.56 -22.23
C LEU C 5 24.59 3.50 -23.01
N ASP C 6 23.97 2.33 -23.00
CA ASP C 6 22.68 2.13 -23.67
C ASP C 6 21.52 2.45 -22.72
N LEU C 7 21.60 3.63 -22.11
CA LEU C 7 20.61 4.08 -21.13
C LEU C 7 19.58 5.06 -21.69
N GLN D 2 -26.32 -16.96 28.09
CA GLN D 2 -24.95 -17.41 27.82
C GLN D 2 -24.63 -17.12 26.36
N ASP D 3 -23.58 -17.74 25.82
CA ASP D 3 -23.15 -17.44 24.46
C ASP D 3 -23.56 -18.54 23.50
N LEU D 4 -24.11 -18.14 22.35
CA LEU D 4 -24.42 -19.10 21.30
C LEU D 4 -23.13 -19.74 20.78
N LEU D 5 -22.17 -18.92 20.37
CA LEU D 5 -20.90 -19.38 19.83
C LEU D 5 -19.77 -18.87 20.72
N ASP D 6 -18.56 -19.35 20.44
CA ASP D 6 -17.34 -18.88 21.10
C ASP D 6 -16.71 -17.77 20.28
N LEU D 7 -17.25 -16.56 20.41
CA LEU D 7 -16.76 -15.44 19.65
C LEU D 7 -16.44 -14.21 20.52
N GLN E 2 13.31 27.10 -3.77
CA GLN E 2 12.29 26.16 -3.31
C GLN E 2 12.82 24.73 -3.22
N ASP E 3 12.37 23.99 -2.20
CA ASP E 3 12.83 22.63 -1.93
C ASP E 3 11.77 21.69 -2.48
N LEU E 4 12.08 21.03 -3.60
CA LEU E 4 11.11 20.10 -4.19
C LEU E 4 10.88 18.89 -3.29
N LEU E 5 11.94 18.35 -2.70
CA LEU E 5 11.76 17.20 -1.80
C LEU E 5 10.95 17.52 -0.55
N ASP E 6 10.76 18.80 -0.22
CA ASP E 6 9.97 19.16 0.96
C ASP E 6 8.52 19.50 0.60
N LEU E 7 8.09 19.22 -0.63
CA LEU E 7 6.72 19.54 -1.04
C LEU E 7 5.70 18.62 -0.36
N ASP F 3 36.54 32.40 11.02
CA ASP F 3 36.17 30.99 11.20
C ASP F 3 34.67 30.82 11.33
N LEU F 4 34.11 29.91 10.53
CA LEU F 4 32.69 29.62 10.60
C LEU F 4 32.31 28.74 11.78
N LEU F 5 33.29 28.32 12.58
CA LEU F 5 33.07 27.49 13.76
C LEU F 5 34.24 27.71 14.71
N ASP F 6 34.02 27.38 15.98
CA ASP F 6 35.07 27.45 16.99
C ASP F 6 35.09 26.20 17.87
N ASP G 3 -49.69 6.26 -3.68
CA ASP G 3 -48.80 5.22 -4.18
C ASP G 3 -47.43 5.80 -4.59
N LEU G 4 -46.38 5.09 -4.19
CA LEU G 4 -45.05 5.52 -4.57
C LEU G 4 -44.77 5.14 -6.02
N LEU G 5 -43.72 5.72 -6.59
CA LEU G 5 -43.25 5.40 -7.96
C LEU G 5 -44.40 5.71 -8.94
N ASP G 6 -44.58 4.91 -9.99
CA ASP G 6 -45.71 5.10 -10.91
C ASP G 6 -46.39 3.76 -11.14
#